data_3GDN
#
_entry.id   3GDN
#
_cell.length_a   68.980
_cell.length_b   93.790
_cell.length_c   86.900
_cell.angle_alpha   90.00
_cell.angle_beta   106.47
_cell.angle_gamma   90.00
#
_symmetry.space_group_name_H-M   'P 1 21 1'
#
loop_
_entity.id
_entity.type
_entity.pdbx_description
1 polymer 'R-oxynitrile lyase isoenzyme 1'
2 branched alpha-D-mannopyranose-(1-4)-2-acetamido-2-deoxy-beta-D-glucopyranose-(1-4)-2-acetamido-2-deoxy-beta-D-glucopyranose
3 branched alpha-L-fucopyranose-(1-3)-[2-acetamido-2-deoxy-beta-D-glucopyranose-(1-4)]2-acetamido-2-deoxy-beta-D-glucopyranose
4 branched alpha-D-mannopyranose-(1-3)-beta-D-mannopyranose-(1-4)-2-acetamido-2-deoxy-beta-D-glucopyranose-(1-4)-[alpha-L-fucopyranose-(1-3)]2-acetamido-2-deoxy-beta-D-glucopyranose
5 branched alpha-D-mannopyranose-(1-6)-beta-D-mannopyranose-(1-4)-2-acetamido-2-deoxy-beta-D-glucopyranose-(1-4)-2-acetamido-2-deoxy-beta-D-glucopyranose
6 non-polymer 'FLAVIN-ADENINE DINUCLEOTIDE'
7 non-polymer 2-acetamido-2-deoxy-beta-D-glucopyranose
8 non-polymer benzaldehyde
9 non-polymer (2R)-hydroxy(phenyl)ethanenitrile
10 water water
#
_entity_poly.entity_id   1
_entity_poly.type   'polypeptide(L)'
_entity_poly.pdbx_seq_one_letter_code
;LATTSDHDFSYLSFAYDATDLELEGSYDYVIVGGGTSGCPLAATLSEKYKVLVLERGSLPTAYPNVLTADGFVYNLQQED
DGKTPVERFVSEDGIDNVRGRVLGGTSIINAGVYARANTSIYSASGVDWDMDLVNQTYEWVEDTIVYKPNSQSWQSVTKT
AFLEAGVHPNHGFSLDHEEGTRITGSTFDNKGTRHAADELLNKGNSNNLRVGVHASVEKIIFSNAPGLTATGVIYRDSNG
TPHQAFVRSKGEVIVSAGTIGTPQLLLLSGVGPESYLSSLNIPVVLSHPYVGQFLHDNPRNFINILPPNPIEPTIVTVLG
ISNDFYQCSFSSLPFTTPPFGFFPSSSYPLPNSTFAHFASKVAGPLSYGSLTLKSSSNVRVSPNVKFNYYSNLTDLSHCV
SGMKKIGELLSTDALKPYKVEDLPGVEGFNILGIPLPKDQTDDAAFETFCRESVASYWHYHGGCLVGKVLDGDFRVTGIN
ALRVVDGSTFPYTPASHPQGFYLMLGRYVGIKILQERSASD
;
_entity_poly.pdbx_strand_id   A,B
#
# COMPACT_ATOMS: atom_id res chain seq x y z
N LEU A 1 13.40 19.49 18.30
CA LEU A 1 12.38 18.50 17.85
C LEU A 1 12.04 17.50 18.93
N ALA A 2 10.89 16.86 18.79
CA ALA A 2 10.43 15.88 19.76
C ALA A 2 10.85 14.47 19.38
N THR A 3 10.62 13.54 20.30
CA THR A 3 10.96 12.13 20.07
C THR A 3 9.66 11.33 20.01
N THR A 4 9.55 10.45 19.03
CA THR A 4 8.37 9.61 18.85
C THR A 4 7.80 9.10 20.17
N SER A 5 6.49 9.26 20.35
CA SER A 5 5.80 8.83 21.56
C SER A 5 4.30 8.80 21.31
N ASP A 6 3.54 8.22 22.24
CA ASP A 6 2.09 8.17 22.10
C ASP A 6 1.55 9.58 22.22
N HIS A 7 0.36 9.81 21.68
CA HIS A 7 -0.27 11.13 21.77
C HIS A 7 -0.49 11.37 23.26
N ASP A 8 0.02 12.48 23.79
CA ASP A 8 -0.08 12.79 25.21
C ASP A 8 -1.43 13.38 25.62
N PHE A 9 -2.25 12.56 26.29
CA PHE A 9 -3.57 13.01 26.74
C PHE A 9 -3.61 13.30 28.25
N SER A 10 -2.50 13.75 28.80
CA SER A 10 -2.46 14.05 30.24
C SER A 10 -3.42 15.18 30.60
N TYR A 11 -3.63 16.10 29.67
CA TYR A 11 -4.50 17.24 29.89
C TYR A 11 -5.96 16.84 30.17
N LEU A 12 -6.30 15.60 29.90
CA LEU A 12 -7.67 15.14 30.12
C LEU A 12 -8.07 15.30 31.57
N SER A 13 -7.10 15.42 32.46
CA SER A 13 -7.37 15.58 33.88
C SER A 13 -8.12 16.89 34.15
N PHE A 14 -7.99 17.85 33.24
CA PHE A 14 -8.69 19.13 33.41
C PHE A 14 -9.59 19.47 32.23
N ALA A 15 -10.06 18.44 31.54
CA ALA A 15 -10.96 18.62 30.41
C ALA A 15 -12.36 18.24 30.88
N TYR A 16 -13.34 19.06 30.55
CA TYR A 16 -14.71 18.80 30.96
C TYR A 16 -15.69 19.02 29.84
N ASP A 17 -16.83 18.35 29.91
CA ASP A 17 -17.86 18.55 28.91
C ASP A 17 -18.58 19.79 29.40
N ALA A 18 -19.01 20.64 28.48
CA ALA A 18 -19.70 21.87 28.85
C ALA A 18 -20.86 21.64 29.83
N THR A 19 -21.49 20.48 29.75
CA THR A 19 -22.61 20.17 30.64
C THR A 19 -22.17 20.01 32.09
N ASP A 20 -20.87 19.78 32.30
CA ASP A 20 -20.34 19.61 33.64
C ASP A 20 -19.68 20.86 34.21
N LEU A 21 -19.53 21.88 33.37
CA LEU A 21 -18.94 23.14 33.80
C LEU A 21 -19.99 23.95 34.54
N GLU A 22 -19.55 24.87 35.39
CA GLU A 22 -20.47 25.70 36.15
C GLU A 22 -21.31 26.57 35.21
N LEU A 23 -22.51 26.94 35.63
CA LEU A 23 -23.38 27.76 34.81
C LEU A 23 -22.81 29.17 34.71
N GLU A 24 -22.11 29.59 35.76
CA GLU A 24 -21.50 30.91 35.80
C GLU A 24 -20.12 30.79 36.44
N GLY A 25 -19.09 31.02 35.63
CA GLY A 25 -17.74 30.94 36.14
C GLY A 25 -16.97 32.24 36.01
N SER A 26 -15.88 32.35 36.77
CA SER A 26 -15.03 33.53 36.76
C SER A 26 -13.58 33.08 36.56
N TYR A 27 -12.89 33.69 35.59
CA TYR A 27 -11.50 33.36 35.29
C TYR A 27 -10.70 34.61 34.97
N ASP A 28 -9.40 34.46 34.77
CA ASP A 28 -8.57 35.60 34.39
C ASP A 28 -8.65 35.73 32.88
N TYR A 29 -8.62 34.59 32.19
CA TYR A 29 -8.71 34.57 30.73
C TYR A 29 -9.65 33.51 30.20
N VAL A 30 -10.40 33.87 29.16
CA VAL A 30 -11.33 32.95 28.52
C VAL A 30 -10.91 32.91 27.06
N ILE A 31 -10.55 31.72 26.59
CA ILE A 31 -10.11 31.52 25.22
C ILE A 31 -11.22 30.83 24.43
N VAL A 32 -11.65 31.45 23.34
CA VAL A 32 -12.69 30.87 22.50
C VAL A 32 -12.04 30.12 21.35
N GLY A 33 -12.17 28.79 21.37
CA GLY A 33 -11.59 27.97 20.34
C GLY A 33 -10.31 27.30 20.81
N GLY A 34 -10.39 26.00 21.09
CA GLY A 34 -9.22 25.27 21.54
C GLY A 34 -8.52 24.69 20.32
N GLY A 35 -8.10 25.58 19.42
CA GLY A 35 -7.44 25.15 18.21
C GLY A 35 -5.94 25.30 18.16
N THR A 36 -5.44 25.43 16.94
CA THR A 36 -4.02 25.54 16.68
C THR A 36 -3.34 26.65 17.47
N SER A 37 -3.90 27.86 17.45
CA SER A 37 -3.32 28.98 18.21
C SER A 37 -3.89 28.99 19.63
N GLY A 38 -5.17 28.65 19.75
CA GLY A 38 -5.83 28.66 21.04
C GLY A 38 -5.23 27.82 22.14
N CYS A 39 -4.82 26.59 21.83
CA CYS A 39 -4.26 25.72 22.85
C CYS A 39 -2.94 26.22 23.43
N PRO A 40 -1.94 26.52 22.58
CA PRO A 40 -0.68 27.01 23.14
C PRO A 40 -0.86 28.34 23.88
N LEU A 41 -1.79 29.17 23.41
CA LEU A 41 -2.08 30.45 24.06
C LEU A 41 -2.60 30.18 25.47
N ALA A 42 -3.60 29.32 25.57
CA ALA A 42 -4.20 28.98 26.85
C ALA A 42 -3.18 28.36 27.81
N ALA A 43 -2.34 27.47 27.30
CA ALA A 43 -1.34 26.82 28.14
C ALA A 43 -0.36 27.84 28.72
N THR A 44 0.09 28.75 27.86
CA THR A 44 1.04 29.77 28.27
C THR A 44 0.45 30.69 29.35
N LEU A 45 -0.76 31.18 29.12
CA LEU A 45 -1.40 32.05 30.09
C LEU A 45 -1.63 31.33 31.43
N SER A 46 -1.93 30.03 31.37
CA SER A 46 -2.18 29.25 32.59
C SER A 46 -0.95 29.12 33.47
N GLU A 47 0.21 29.47 32.93
CA GLU A 47 1.44 29.38 33.72
C GLU A 47 1.34 30.26 34.96
N LYS A 48 0.52 31.31 34.85
CA LYS A 48 0.34 32.26 35.95
C LYS A 48 -1.11 32.56 36.30
N TYR A 49 -2.01 32.46 35.34
CA TYR A 49 -3.41 32.79 35.60
C TYR A 49 -4.42 31.69 35.37
N LYS A 50 -5.65 31.94 35.85
CA LYS A 50 -6.75 30.99 35.71
C LYS A 50 -7.33 31.14 34.30
N VAL A 51 -7.26 30.06 33.54
CA VAL A 51 -7.72 30.08 32.16
C VAL A 51 -8.77 29.03 31.84
N LEU A 52 -9.75 29.42 31.03
CA LEU A 52 -10.79 28.52 30.58
C LEU A 52 -10.79 28.56 29.06
N VAL A 53 -10.65 27.41 28.43
CA VAL A 53 -10.69 27.33 26.97
C VAL A 53 -12.02 26.66 26.65
N LEU A 54 -12.75 27.23 25.69
CA LEU A 54 -14.05 26.69 25.30
C LEU A 54 -13.99 26.24 23.85
N GLU A 55 -14.17 24.93 23.63
CA GLU A 55 -14.11 24.35 22.29
C GLU A 55 -15.44 23.69 21.93
N ARG A 56 -15.97 24.02 20.76
CA ARG A 56 -17.25 23.48 20.30
C ARG A 56 -17.20 21.99 20.00
N GLY A 57 -16.05 21.51 19.53
CA GLY A 57 -15.91 20.11 19.17
C GLY A 57 -15.62 19.15 20.31
N SER A 58 -15.39 17.90 19.96
CA SER A 58 -15.12 16.85 20.94
C SER A 58 -13.63 16.68 21.23
N LEU A 59 -13.33 15.78 22.17
CA LEU A 59 -11.95 15.47 22.50
C LEU A 59 -11.47 14.60 21.35
N PRO A 60 -10.16 14.61 21.06
CA PRO A 60 -9.65 13.79 19.96
C PRO A 60 -9.97 12.30 20.17
N THR A 61 -10.12 11.90 21.41
CA THR A 61 -10.41 10.51 21.74
C THR A 61 -11.76 10.04 21.20
N ALA A 62 -12.66 10.97 20.92
CA ALA A 62 -13.98 10.61 20.40
C ALA A 62 -13.92 10.18 18.93
N TYR A 63 -12.82 10.51 18.27
CA TYR A 63 -12.62 10.16 16.86
C TYR A 63 -11.18 9.69 16.66
N PRO A 64 -10.88 8.45 17.08
CA PRO A 64 -9.57 7.79 17.00
C PRO A 64 -8.77 7.97 15.72
N ASN A 65 -9.46 8.02 14.58
CA ASN A 65 -8.76 8.16 13.30
C ASN A 65 -8.07 9.50 13.06
N VAL A 66 -8.24 10.44 13.98
CA VAL A 66 -7.57 11.73 13.85
C VAL A 66 -6.20 11.60 14.50
N LEU A 67 -5.92 10.45 15.09
CA LEU A 67 -4.66 10.24 15.80
C LEU A 67 -3.57 9.48 15.03
N THR A 68 -3.83 9.14 13.77
CA THR A 68 -2.83 8.43 12.97
C THR A 68 -2.74 9.04 11.58
N ALA A 69 -1.58 8.89 10.96
CA ALA A 69 -1.37 9.42 9.63
C ALA A 69 -2.26 8.67 8.63
N ASP A 70 -2.45 7.37 8.83
CA ASP A 70 -3.28 6.65 7.87
C ASP A 70 -4.78 6.91 8.07
N GLY A 71 -5.10 7.89 8.91
CA GLY A 71 -6.48 8.23 9.16
C GLY A 71 -6.81 9.58 8.53
N PHE A 72 -5.81 10.23 7.93
CA PHE A 72 -5.98 11.53 7.31
C PHE A 72 -7.14 11.59 6.31
N VAL A 73 -7.09 10.73 5.30
CA VAL A 73 -8.13 10.69 4.29
C VAL A 73 -9.46 10.26 4.90
N TYR A 74 -9.41 9.31 5.84
CA TYR A 74 -10.61 8.82 6.49
C TYR A 74 -11.47 9.97 7.05
N ASN A 75 -10.84 10.84 7.84
CA ASN A 75 -11.57 11.96 8.44
C ASN A 75 -12.29 12.81 7.40
N LEU A 76 -11.64 13.05 6.27
CA LEU A 76 -12.24 13.86 5.20
C LEU A 76 -13.40 13.12 4.53
N GLN A 77 -13.32 11.79 4.52
CA GLN A 77 -14.37 10.97 3.90
C GLN A 77 -15.62 10.84 4.77
N GLN A 78 -15.46 11.00 6.07
CA GLN A 78 -16.57 10.87 7.00
C GLN A 78 -17.70 11.86 6.81
N GLU A 79 -18.92 11.36 6.82
CA GLU A 79 -20.10 12.21 6.66
C GLU A 79 -20.15 13.22 7.80
N ASP A 80 -20.55 14.44 7.46
CA ASP A 80 -20.65 15.53 8.43
C ASP A 80 -21.99 15.48 9.14
N ASP A 81 -21.99 15.01 10.39
CA ASP A 81 -23.21 14.92 11.17
C ASP A 81 -23.35 16.08 12.14
N GLY A 82 -22.50 17.09 11.97
CA GLY A 82 -22.53 18.25 12.85
C GLY A 82 -21.68 18.12 14.09
N LYS A 83 -21.16 16.93 14.35
CA LYS A 83 -20.33 16.69 15.53
C LYS A 83 -18.92 16.20 15.18
N THR A 84 -18.78 15.62 13.98
CA THR A 84 -17.49 15.10 13.52
C THR A 84 -16.40 16.17 13.49
N PRO A 85 -15.13 15.74 13.59
CA PRO A 85 -13.98 16.66 13.59
C PRO A 85 -13.73 17.44 12.29
N VAL A 86 -14.31 16.97 11.19
CA VAL A 86 -14.15 17.66 9.91
C VAL A 86 -15.48 18.29 9.50
N GLU A 87 -15.53 19.62 9.55
CA GLU A 87 -16.75 20.32 9.15
C GLU A 87 -16.63 20.70 7.69
N ARG A 88 -17.63 20.32 6.91
CA ARG A 88 -17.64 20.61 5.48
C ARG A 88 -18.29 21.95 5.18
N PHE A 89 -17.76 22.63 4.16
CA PHE A 89 -18.34 23.88 3.70
C PHE A 89 -17.95 24.09 2.25
N VAL A 90 -18.69 24.95 1.58
CA VAL A 90 -18.42 25.24 0.18
C VAL A 90 -18.38 26.75 0.04
N SER A 91 -17.31 27.27 -0.53
CA SER A 91 -17.22 28.71 -0.69
C SER A 91 -18.21 29.13 -1.77
N GLU A 92 -18.50 30.43 -1.81
CA GLU A 92 -19.43 30.96 -2.80
C GLU A 92 -18.85 30.77 -4.20
N ASP A 93 -17.55 30.54 -4.27
CA ASP A 93 -16.87 30.34 -5.55
C ASP A 93 -17.25 28.97 -6.10
N GLY A 94 -17.77 28.11 -5.23
CA GLY A 94 -18.17 26.77 -5.61
C GLY A 94 -17.09 25.73 -5.32
N ILE A 95 -16.14 26.08 -4.46
CA ILE A 95 -15.04 25.16 -4.13
C ILE A 95 -15.22 24.50 -2.76
N ASP A 96 -15.27 23.17 -2.75
CA ASP A 96 -15.42 22.41 -1.52
C ASP A 96 -14.26 22.66 -0.56
N ASN A 97 -14.55 22.65 0.73
CA ASN A 97 -13.52 22.92 1.72
C ASN A 97 -13.90 22.31 3.07
N VAL A 98 -12.98 22.37 4.01
CA VAL A 98 -13.24 21.85 5.36
C VAL A 98 -12.48 22.65 6.41
N ARG A 99 -12.94 22.54 7.65
CA ARG A 99 -12.28 23.19 8.77
C ARG A 99 -12.45 22.27 9.96
N GLY A 100 -11.52 22.36 10.91
CA GLY A 100 -11.59 21.51 12.09
C GLY A 100 -12.68 21.87 13.07
N ARG A 101 -13.16 20.86 13.79
CA ARG A 101 -14.20 21.02 14.80
C ARG A 101 -13.90 19.96 15.85
N VAL A 102 -12.85 20.21 16.62
CA VAL A 102 -12.39 19.26 17.62
C VAL A 102 -11.31 19.95 18.45
N LEU A 103 -11.07 19.46 19.67
CA LEU A 103 -10.02 20.06 20.49
C LEU A 103 -8.71 19.83 19.76
N GLY A 104 -7.95 20.89 19.58
CA GLY A 104 -6.69 20.79 18.84
C GLY A 104 -6.91 21.52 17.53
N GLY A 105 -8.17 21.79 17.23
CA GLY A 105 -8.50 22.49 16.00
C GLY A 105 -8.15 21.75 14.73
N THR A 106 -7.85 22.52 13.70
CA THR A 106 -7.52 21.95 12.40
C THR A 106 -6.15 21.25 12.39
N SER A 107 -5.34 21.46 13.43
CA SER A 107 -4.05 20.81 13.48
C SER A 107 -4.26 19.33 13.75
N ILE A 108 -5.49 18.99 14.16
CA ILE A 108 -5.87 17.61 14.47
C ILE A 108 -6.34 16.84 13.22
N ILE A 109 -6.62 17.55 12.13
CA ILE A 109 -7.10 16.88 10.93
C ILE A 109 -6.27 17.20 9.68
N ASN A 110 -5.16 17.92 9.86
CA ASN A 110 -4.36 18.31 8.71
C ASN A 110 -3.35 17.30 8.17
N ALA A 111 -2.58 17.73 7.17
CA ALA A 111 -1.59 16.86 6.54
C ALA A 111 -0.26 16.75 7.28
N GLY A 112 -0.20 17.34 8.47
CA GLY A 112 1.00 17.27 9.30
C GLY A 112 2.27 18.00 8.89
N VAL A 113 2.29 18.63 7.73
CA VAL A 113 3.51 19.32 7.30
C VAL A 113 3.84 20.50 8.21
N TYR A 114 5.06 20.54 8.72
CA TYR A 114 5.48 21.61 9.61
C TYR A 114 6.62 22.45 9.03
N ALA A 115 6.43 23.76 9.03
CA ALA A 115 7.44 24.68 8.54
C ALA A 115 7.41 25.96 9.36
N ARG A 116 8.57 26.60 9.51
CA ARG A 116 8.62 27.87 10.20
C ARG A 116 8.30 28.92 9.15
N ALA A 117 7.80 30.07 9.58
CA ALA A 117 7.44 31.12 8.66
C ALA A 117 8.64 31.73 7.94
N ASN A 118 8.38 32.22 6.73
CA ASN A 118 9.38 32.90 5.92
C ASN A 118 9.93 33.99 6.84
N THR A 119 11.23 33.96 7.12
CA THR A 119 11.82 34.95 8.02
C THR A 119 11.76 36.40 7.55
N SER A 120 11.41 36.61 6.28
CA SER A 120 11.33 37.96 5.74
C SER A 120 9.97 38.63 5.88
N ILE A 121 8.96 37.91 6.35
CA ILE A 121 7.62 38.48 6.46
C ILE A 121 7.32 39.28 7.71
N TYR A 122 8.09 39.08 8.77
CA TYR A 122 7.83 39.78 10.03
C TYR A 122 7.99 41.30 9.95
N SER A 123 9.01 41.74 9.21
CA SER A 123 9.33 43.15 9.10
C SER A 123 8.21 44.18 8.97
N ALA A 124 7.49 44.20 7.84
CA ALA A 124 6.41 45.18 7.68
C ALA A 124 5.04 44.54 7.83
N SER A 125 4.87 43.75 8.87
CA SER A 125 3.61 43.05 9.12
C SER A 125 2.62 43.78 10.00
N GLY A 126 3.05 44.87 10.63
CA GLY A 126 2.15 45.62 11.50
C GLY A 126 2.34 45.22 12.95
N VAL A 127 3.24 44.27 13.19
CA VAL A 127 3.54 43.81 14.54
C VAL A 127 5.04 44.00 14.77
N ASP A 128 5.41 44.51 15.93
CA ASP A 128 6.82 44.69 16.26
C ASP A 128 7.26 43.37 16.88
N TRP A 129 7.73 42.46 16.06
CA TRP A 129 8.14 41.14 16.51
C TRP A 129 9.42 41.08 17.32
N ASP A 130 9.38 40.29 18.39
CA ASP A 130 10.53 40.05 19.25
C ASP A 130 11.04 38.73 18.66
N MET A 131 11.99 38.82 17.75
CA MET A 131 12.52 37.62 17.09
C MET A 131 13.16 36.60 18.02
N ASP A 132 13.72 37.07 19.14
CA ASP A 132 14.32 36.13 20.09
C ASP A 132 13.18 35.29 20.66
N LEU A 133 12.07 35.95 20.95
CA LEU A 133 10.89 35.29 21.50
C LEU A 133 10.26 34.38 20.46
N VAL A 134 10.20 34.85 19.22
CA VAL A 134 9.62 34.04 18.14
C VAL A 134 10.34 32.69 18.04
N ASN A 135 11.67 32.73 17.97
CA ASN A 135 12.43 31.49 17.86
C ASN A 135 12.32 30.62 19.11
N GLN A 136 12.32 31.24 20.30
CA GLN A 136 12.20 30.46 21.51
C GLN A 136 10.86 29.72 21.50
N THR A 137 9.85 30.38 20.95
CA THR A 137 8.52 29.80 20.88
C THR A 137 8.45 28.66 19.86
N TYR A 138 9.10 28.83 18.72
CA TYR A 138 9.11 27.76 17.72
C TYR A 138 9.74 26.53 18.36
N GLU A 139 10.84 26.74 19.09
CA GLU A 139 11.53 25.65 19.76
C GLU A 139 10.63 24.95 20.78
N TRP A 140 9.87 25.76 21.52
CA TRP A 140 8.95 25.27 22.54
C TRP A 140 7.92 24.33 21.89
N VAL A 141 7.40 24.74 20.73
CA VAL A 141 6.41 23.94 20.02
C VAL A 141 7.07 22.70 19.41
N GLU A 142 8.18 22.92 18.72
CA GLU A 142 8.91 21.84 18.06
C GLU A 142 9.39 20.74 18.99
N ASP A 143 9.84 21.11 20.19
CA ASP A 143 10.32 20.10 21.14
C ASP A 143 9.16 19.28 21.69
N THR A 144 7.94 19.69 21.40
CA THR A 144 6.78 18.98 21.91
C THR A 144 6.02 18.15 20.87
N ILE A 145 5.83 18.68 19.67
CA ILE A 145 5.06 17.97 18.65
C ILE A 145 5.60 17.92 17.21
N VAL A 146 6.86 18.28 17.00
CA VAL A 146 7.41 18.24 15.64
C VAL A 146 8.50 17.19 15.55
N TYR A 147 8.50 16.42 14.46
CA TYR A 147 9.47 15.34 14.29
C TYR A 147 10.20 15.32 12.97
N LYS A 148 11.40 14.75 13.00
CA LYS A 148 12.19 14.60 11.79
C LYS A 148 11.58 13.30 11.24
N PRO A 149 11.02 13.36 10.03
CA PRO A 149 10.37 12.21 9.38
C PRO A 149 11.26 11.05 8.97
N ASN A 150 10.63 9.91 8.73
CA ASN A 150 11.32 8.72 8.27
C ASN A 150 11.56 8.96 6.80
N SER A 151 12.50 8.24 6.20
CA SER A 151 12.73 8.40 4.78
C SER A 151 11.56 7.64 4.15
N GLN A 152 11.05 8.13 3.02
CA GLN A 152 9.93 7.49 2.34
C GLN A 152 10.21 7.46 0.85
N SER A 153 10.08 6.28 0.25
CA SER A 153 10.35 6.11 -1.17
C SER A 153 9.73 7.14 -2.09
N TRP A 154 8.42 7.34 -2.02
CA TRP A 154 7.80 8.30 -2.92
C TRP A 154 8.27 9.72 -2.69
N GLN A 155 8.48 10.09 -1.43
CA GLN A 155 8.94 11.43 -1.13
C GLN A 155 10.35 11.61 -1.70
N SER A 156 11.15 10.54 -1.65
CA SER A 156 12.50 10.60 -2.20
C SER A 156 12.45 10.76 -3.71
N VAL A 157 11.50 10.09 -4.35
CA VAL A 157 11.35 10.20 -5.80
C VAL A 157 11.00 11.64 -6.12
N THR A 158 10.08 12.20 -5.34
CA THR A 158 9.65 13.58 -5.53
C THR A 158 10.83 14.54 -5.37
N LYS A 159 11.66 14.28 -4.37
CA LYS A 159 12.83 15.11 -4.13
C LYS A 159 13.75 15.08 -5.36
N THR A 160 13.94 13.91 -5.95
CA THR A 160 14.80 13.81 -7.13
C THR A 160 14.19 14.58 -8.30
N ALA A 161 12.86 14.55 -8.39
CA ALA A 161 12.17 15.26 -9.46
C ALA A 161 12.34 16.76 -9.31
N PHE A 162 12.15 17.27 -8.10
CA PHE A 162 12.30 18.71 -7.85
C PHE A 162 13.71 19.17 -8.19
N LEU A 163 14.72 18.42 -7.75
CA LEU A 163 16.11 18.79 -8.01
C LEU A 163 16.45 18.74 -9.49
N GLU A 164 15.87 17.77 -10.20
CA GLU A 164 16.12 17.65 -11.62
C GLU A 164 15.45 18.83 -12.33
N ALA A 165 14.30 19.24 -11.79
CA ALA A 165 13.53 20.33 -12.36
C ALA A 165 13.99 21.73 -11.96
N GLY A 166 15.18 21.83 -11.39
CA GLY A 166 15.71 23.13 -11.02
C GLY A 166 15.18 23.86 -9.79
N VAL A 167 14.50 23.16 -8.89
CA VAL A 167 14.01 23.81 -7.68
C VAL A 167 15.19 23.73 -6.71
N HIS A 168 16.08 24.71 -6.85
CA HIS A 168 17.32 24.79 -6.08
C HIS A 168 17.40 25.97 -5.13
N PRO A 169 18.30 25.90 -4.13
CA PRO A 169 19.21 24.77 -3.87
C PRO A 169 18.56 23.67 -3.04
N ASN A 170 19.35 22.67 -2.69
CA ASN A 170 18.89 21.58 -1.84
C ASN A 170 19.24 22.01 -0.42
N HIS A 171 18.30 21.89 0.50
CA HIS A 171 18.54 22.30 1.89
C HIS A 171 18.69 21.12 2.84
N GLY A 172 18.61 19.90 2.31
CA GLY A 172 18.70 18.72 3.16
C GLY A 172 17.48 18.74 4.06
N PHE A 173 17.66 18.48 5.34
CA PHE A 173 16.54 18.52 6.28
C PHE A 173 16.55 19.90 6.93
N SER A 174 15.45 20.63 6.82
CA SER A 174 15.36 21.97 7.39
C SER A 174 13.90 22.35 7.59
N LEU A 175 13.63 23.08 8.67
CA LEU A 175 12.28 23.51 8.98
C LEU A 175 11.94 24.85 8.36
N ASP A 176 12.97 25.56 7.90
CA ASP A 176 12.76 26.89 7.33
C ASP A 176 12.21 26.99 5.92
N HIS A 177 11.28 27.92 5.76
CA HIS A 177 10.66 28.18 4.47
C HIS A 177 11.65 28.97 3.62
N GLU A 178 12.35 28.28 2.73
CA GLU A 178 13.32 28.92 1.87
C GLU A 178 13.19 28.38 0.46
N GLU A 179 13.54 29.21 -0.52
CA GLU A 179 13.49 28.81 -1.91
C GLU A 179 14.39 27.59 -2.09
N GLY A 180 13.88 26.58 -2.81
CA GLY A 180 14.64 25.37 -3.04
C GLY A 180 13.91 24.13 -2.59
N THR A 181 14.59 22.99 -2.62
CA THR A 181 14.00 21.71 -2.22
C THR A 181 14.53 21.30 -0.86
N ARG A 182 13.66 20.72 -0.04
CA ARG A 182 14.09 20.27 1.27
C ARG A 182 13.11 19.25 1.84
N ILE A 183 13.53 18.60 2.92
CA ILE A 183 12.68 17.67 3.63
C ILE A 183 12.44 18.47 4.90
N THR A 184 11.17 18.70 5.22
CA THR A 184 10.84 19.48 6.41
C THR A 184 10.29 18.58 7.53
N GLY A 185 9.88 19.20 8.63
CA GLY A 185 9.36 18.44 9.75
C GLY A 185 7.90 18.08 9.59
N SER A 186 7.39 17.23 10.48
CA SER A 186 5.99 16.82 10.45
C SER A 186 5.46 16.67 11.86
N THR A 187 4.15 16.84 12.03
CA THR A 187 3.55 16.68 13.35
C THR A 187 3.14 15.21 13.53
N PHE A 188 3.42 14.40 12.51
CA PHE A 188 3.18 12.97 12.56
C PHE A 188 4.55 12.41 12.97
N ASP A 189 4.61 11.57 13.99
CA ASP A 189 5.92 11.04 14.36
C ASP A 189 6.30 9.83 13.52
N ASN A 190 7.44 9.22 13.86
CA ASN A 190 7.94 8.09 13.10
C ASN A 190 7.15 6.78 13.12
N LYS A 191 6.15 6.71 13.98
CA LYS A 191 5.30 5.52 14.04
C LYS A 191 3.96 5.85 13.40
N GLY A 192 3.84 7.08 12.91
CA GLY A 192 2.61 7.49 12.27
C GLY A 192 1.60 8.09 13.24
N THR A 193 2.01 8.26 14.49
CA THR A 193 1.11 8.84 15.48
C THR A 193 1.02 10.34 15.24
N ARG A 194 -0.20 10.86 15.21
CA ARG A 194 -0.37 12.29 15.00
C ARG A 194 -0.25 13.03 16.32
N HIS A 195 0.50 14.12 16.30
CA HIS A 195 0.65 14.96 17.46
C HIS A 195 0.05 16.29 17.02
N ALA A 196 -0.52 17.04 17.96
CA ALA A 196 -1.15 18.30 17.57
C ALA A 196 -1.21 19.33 18.67
N ALA A 197 -1.88 20.44 18.38
CA ALA A 197 -2.00 21.55 19.32
C ALA A 197 -2.57 21.21 20.68
N ASP A 198 -3.46 20.22 20.74
CA ASP A 198 -4.04 19.84 22.02
C ASP A 198 -2.97 19.39 23.00
N GLU A 199 -1.91 18.77 22.51
CA GLU A 199 -0.85 18.32 23.40
C GLU A 199 -0.08 19.48 24.02
N LEU A 200 -0.19 20.66 23.40
CA LEU A 200 0.49 21.82 23.96
C LEU A 200 -0.20 22.25 25.25
N LEU A 201 -1.41 21.73 25.48
CA LEU A 201 -2.14 22.02 26.71
C LEU A 201 -1.40 21.41 27.89
N ASN A 202 -0.64 20.35 27.62
CA ASN A 202 0.13 19.66 28.65
C ASN A 202 1.26 20.54 29.20
N LYS A 203 1.60 21.58 28.45
CA LYS A 203 2.65 22.51 28.84
C LYS A 203 2.12 23.54 29.83
N GLY A 204 0.80 23.56 30.01
CA GLY A 204 0.20 24.51 30.92
C GLY A 204 0.23 24.01 32.35
N ASN A 205 -0.30 24.82 33.27
CA ASN A 205 -0.36 24.46 34.69
C ASN A 205 -1.70 23.77 34.92
N SER A 206 -1.65 22.50 35.29
CA SER A 206 -2.86 21.70 35.52
C SER A 206 -3.78 22.20 36.63
N ASN A 207 -3.31 23.16 37.43
CA ASN A 207 -4.15 23.67 38.50
C ASN A 207 -4.79 25.00 38.11
N ASN A 208 -4.36 25.55 36.98
CA ASN A 208 -4.90 26.82 36.51
C ASN A 208 -5.65 26.75 35.18
N LEU A 209 -5.44 25.67 34.44
CA LEU A 209 -6.08 25.50 33.14
C LEU A 209 -7.26 24.53 33.13
N ARG A 210 -8.37 25.00 32.57
CA ARG A 210 -9.58 24.19 32.45
C ARG A 210 -10.04 24.23 30.99
N VAL A 211 -10.36 23.07 30.44
CA VAL A 211 -10.81 22.98 29.06
C VAL A 211 -12.23 22.46 28.99
N GLY A 212 -13.06 23.16 28.23
CA GLY A 212 -14.43 22.74 28.06
C GLY A 212 -14.68 22.35 26.63
N VAL A 213 -15.15 21.11 26.42
CA VAL A 213 -15.45 20.65 25.06
C VAL A 213 -16.96 20.63 24.86
N HIS A 214 -17.39 20.53 23.60
CA HIS A 214 -18.81 20.54 23.28
C HIS A 214 -19.38 21.84 23.83
N ALA A 215 -18.57 22.89 23.77
CA ALA A 215 -18.95 24.21 24.25
C ALA A 215 -19.06 25.18 23.07
N SER A 216 -20.29 25.51 22.68
CA SER A 216 -20.53 26.41 21.56
C SER A 216 -20.63 27.85 22.04
N VAL A 217 -19.59 28.64 21.78
CA VAL A 217 -19.59 30.03 22.19
C VAL A 217 -20.43 30.81 21.19
N GLU A 218 -21.52 31.40 21.68
CA GLU A 218 -22.44 32.13 20.81
C GLU A 218 -22.29 33.63 20.81
N LYS A 219 -21.76 34.19 21.90
CA LYS A 219 -21.64 35.63 21.96
C LYS A 219 -20.65 36.15 22.99
N ILE A 220 -20.03 37.28 22.67
CA ILE A 220 -19.10 37.92 23.58
C ILE A 220 -19.93 38.94 24.36
N ILE A 221 -19.74 38.99 25.67
CA ILE A 221 -20.48 39.91 26.52
C ILE A 221 -19.66 41.18 26.74
N PHE A 222 -20.31 42.35 26.65
CA PHE A 222 -19.60 43.61 26.85
C PHE A 222 -20.26 44.47 27.92
N SER A 223 -19.53 45.51 28.32
CA SER A 223 -20.01 46.46 29.31
C SER A 223 -19.10 47.69 29.27
N ASN A 224 -19.50 48.74 29.97
CA ASN A 224 -18.70 49.96 30.02
C ASN A 224 -18.21 50.15 31.44
N ALA A 225 -16.99 49.68 31.72
CA ALA A 225 -16.42 49.77 33.06
C ALA A 225 -15.01 50.35 33.08
N PRO A 226 -14.86 51.64 32.72
CA PRO A 226 -15.91 52.55 32.30
C PRO A 226 -16.08 52.58 30.78
N GLY A 227 -15.02 52.18 30.08
CA GLY A 227 -15.07 52.16 28.62
C GLY A 227 -15.54 50.81 28.11
N LEU A 228 -15.83 50.74 26.81
CA LEU A 228 -16.30 49.50 26.21
C LEU A 228 -15.27 48.40 26.47
N THR A 229 -15.72 47.34 27.13
CA THR A 229 -14.85 46.23 27.49
C THR A 229 -15.54 44.88 27.38
N ALA A 230 -14.80 43.86 26.98
CA ALA A 230 -15.34 42.51 26.89
C ALA A 230 -15.29 41.97 28.32
N THR A 231 -16.39 41.39 28.79
CA THR A 231 -16.41 40.89 30.17
C THR A 231 -16.55 39.38 30.28
N GLY A 232 -16.83 38.71 29.16
CA GLY A 232 -16.97 37.27 29.18
C GLY A 232 -17.66 36.79 27.94
N VAL A 233 -18.16 35.55 27.97
CA VAL A 233 -18.86 35.01 26.82
C VAL A 233 -20.01 34.11 27.26
N ILE A 234 -20.90 33.84 26.31
CA ILE A 234 -22.02 32.96 26.56
C ILE A 234 -21.78 31.74 25.68
N TYR A 235 -21.80 30.56 26.28
CA TYR A 235 -21.61 29.33 25.53
C TYR A 235 -22.73 28.37 25.86
N ARG A 236 -23.05 27.46 24.94
CA ARG A 236 -24.13 26.52 25.18
C ARG A 236 -23.63 25.07 25.14
N ASP A 237 -24.19 24.22 26.00
CA ASP A 237 -23.78 22.82 26.02
C ASP A 237 -24.72 21.94 25.20
N SER A 238 -24.39 20.66 25.12
CA SER A 238 -25.18 19.71 24.33
C SER A 238 -26.63 19.56 24.77
N ASN A 239 -26.97 20.05 25.96
CA ASN A 239 -28.36 19.96 26.43
C ASN A 239 -29.11 21.22 26.06
N GLY A 240 -28.41 22.18 25.46
CA GLY A 240 -29.04 23.43 25.06
C GLY A 240 -29.01 24.44 26.19
N THR A 241 -28.36 24.10 27.29
CA THR A 241 -28.26 24.99 28.44
C THR A 241 -27.13 25.99 28.25
N PRO A 242 -27.43 27.29 28.36
CA PRO A 242 -26.40 28.32 28.19
C PRO A 242 -25.65 28.61 29.49
N HIS A 243 -24.34 28.81 29.38
CA HIS A 243 -23.50 29.13 30.52
C HIS A 243 -22.84 30.48 30.25
N GLN A 244 -22.24 31.04 31.28
CA GLN A 244 -21.53 32.29 31.16
C GLN A 244 -20.17 32.15 31.82
N ALA A 245 -19.14 32.65 31.16
CA ALA A 245 -17.78 32.61 31.70
C ALA A 245 -17.30 34.05 31.66
N PHE A 246 -16.98 34.61 32.83
CA PHE A 246 -16.52 35.99 32.90
C PHE A 246 -15.04 36.08 33.23
N VAL A 247 -14.45 37.22 32.91
CA VAL A 247 -13.03 37.46 33.19
C VAL A 247 -12.95 38.53 34.28
N ARG A 248 -11.95 38.39 35.14
CA ARG A 248 -11.79 39.36 36.23
C ARG A 248 -10.89 40.52 35.85
N SER A 249 -10.70 41.45 36.77
CA SER A 249 -9.88 42.63 36.53
C SER A 249 -8.56 42.30 35.82
N LYS A 250 -8.26 43.08 34.79
CA LYS A 250 -7.04 42.92 34.00
C LYS A 250 -7.07 41.69 33.10
N GLY A 251 -8.10 40.87 33.24
CA GLY A 251 -8.22 39.67 32.43
C GLY A 251 -8.76 39.99 31.04
N GLU A 252 -8.74 39.01 30.15
CA GLU A 252 -9.20 39.25 28.78
C GLU A 252 -9.87 38.05 28.12
N VAL A 253 -10.70 38.35 27.14
CA VAL A 253 -11.36 37.34 26.34
C VAL A 253 -10.53 37.34 25.07
N ILE A 254 -10.07 36.16 24.65
CA ILE A 254 -9.29 36.08 23.44
C ILE A 254 -9.99 35.10 22.52
N VAL A 255 -10.27 35.56 21.31
CA VAL A 255 -10.95 34.75 20.31
C VAL A 255 -9.93 34.08 19.40
N SER A 256 -9.94 32.74 19.40
CA SER A 256 -9.04 31.94 18.59
C SER A 256 -9.91 30.91 17.87
N ALA A 257 -11.06 31.37 17.38
CA ALA A 257 -12.02 30.51 16.70
C ALA A 257 -11.73 30.26 15.22
N GLY A 258 -10.58 30.72 14.76
CA GLY A 258 -10.21 30.50 13.36
C GLY A 258 -10.65 31.54 12.37
N THR A 259 -10.11 31.42 11.16
CA THR A 259 -10.42 32.33 10.06
C THR A 259 -11.92 32.45 9.83
N ILE A 260 -12.63 31.35 9.98
CA ILE A 260 -14.08 31.35 9.79
C ILE A 260 -14.85 31.66 11.08
N GLY A 261 -14.46 31.01 12.18
CA GLY A 261 -15.13 31.21 13.44
C GLY A 261 -14.99 32.55 14.15
N THR A 262 -13.83 33.16 14.06
CA THR A 262 -13.63 34.45 14.74
C THR A 262 -14.47 35.58 14.14
N PRO A 263 -14.40 35.81 12.83
CA PRO A 263 -15.22 36.89 12.28
C PRO A 263 -16.70 36.63 12.56
N GLN A 264 -17.11 35.37 12.47
CA GLN A 264 -18.50 35.00 12.72
C GLN A 264 -18.94 35.39 14.13
N LEU A 265 -18.14 35.04 15.13
CA LEU A 265 -18.48 35.37 16.51
C LEU A 265 -18.50 36.88 16.74
N LEU A 266 -17.55 37.59 16.15
CA LEU A 266 -17.51 39.05 16.30
C LEU A 266 -18.78 39.67 15.75
N LEU A 267 -19.17 39.25 14.55
CA LEU A 267 -20.37 39.78 13.92
C LEU A 267 -21.60 39.48 14.78
N LEU A 268 -21.73 38.24 15.23
CA LEU A 268 -22.85 37.83 16.06
C LEU A 268 -22.90 38.59 17.38
N SER A 269 -21.74 39.10 17.79
CA SER A 269 -21.61 39.84 19.05
C SER A 269 -21.76 41.34 18.86
N GLY A 270 -22.07 41.78 17.65
CA GLY A 270 -22.27 43.20 17.41
C GLY A 270 -21.02 43.99 17.08
N VAL A 271 -19.95 43.30 16.71
CA VAL A 271 -18.71 43.99 16.34
C VAL A 271 -18.46 43.76 14.86
N GLY A 272 -18.75 44.77 14.06
CA GLY A 272 -18.58 44.66 12.62
C GLY A 272 -19.19 45.85 11.91
N PRO A 273 -19.37 45.79 10.58
CA PRO A 273 -19.96 46.88 9.80
C PRO A 273 -21.32 47.28 10.33
N GLU A 274 -21.45 48.53 10.72
CA GLU A 274 -22.69 49.05 11.27
C GLU A 274 -23.92 48.81 10.39
N SER A 275 -23.84 49.21 9.12
CA SER A 275 -24.98 49.02 8.22
C SER A 275 -25.33 47.55 8.06
N TYR A 276 -24.33 46.69 8.02
CA TYR A 276 -24.55 45.26 7.88
C TYR A 276 -25.26 44.68 9.11
N LEU A 277 -24.72 44.96 10.29
CA LEU A 277 -25.31 44.46 11.53
C LEU A 277 -26.75 44.96 11.66
N SER A 278 -26.97 46.24 11.40
CA SER A 278 -28.31 46.81 11.51
C SER A 278 -29.27 46.13 10.55
N SER A 279 -28.81 45.82 9.34
CA SER A 279 -29.67 45.16 8.35
C SER A 279 -30.21 43.85 8.90
N LEU A 280 -29.47 43.23 9.81
CA LEU A 280 -29.88 41.97 10.40
C LEU A 280 -30.42 42.11 11.82
N ASN A 281 -30.61 43.35 12.26
CA ASN A 281 -31.12 43.63 13.59
C ASN A 281 -30.19 43.15 14.70
N ILE A 282 -28.90 43.11 14.40
CA ILE A 282 -27.93 42.73 15.42
C ILE A 282 -27.48 44.04 16.07
N PRO A 283 -27.70 44.18 17.38
CA PRO A 283 -27.29 45.41 18.07
C PRO A 283 -25.82 45.69 17.81
N VAL A 284 -25.51 46.93 17.48
CA VAL A 284 -24.13 47.32 17.22
C VAL A 284 -23.39 47.70 18.50
N VAL A 285 -22.36 46.93 18.84
CA VAL A 285 -21.56 47.20 20.02
C VAL A 285 -20.50 48.21 19.63
N LEU A 286 -19.90 47.98 18.46
CA LEU A 286 -18.89 48.88 17.94
C LEU A 286 -18.75 48.70 16.44
N SER A 287 -18.94 49.80 15.69
CA SER A 287 -18.82 49.75 14.25
C SER A 287 -17.36 49.41 13.90
N HIS A 288 -17.18 48.28 13.24
CA HIS A 288 -15.86 47.80 12.84
C HIS A 288 -16.00 47.32 11.40
N PRO A 289 -15.79 48.24 10.44
CA PRO A 289 -15.91 47.96 9.01
C PRO A 289 -15.14 46.79 8.39
N TYR A 290 -14.05 46.38 9.00
CA TYR A 290 -13.26 45.31 8.40
C TYR A 290 -13.41 43.89 8.95
N VAL A 291 -14.34 43.71 9.89
CA VAL A 291 -14.57 42.38 10.44
C VAL A 291 -15.21 41.51 9.35
N GLY A 292 -14.54 40.43 8.99
CA GLY A 292 -15.07 39.55 7.95
C GLY A 292 -14.57 39.92 6.57
N GLN A 293 -13.74 40.96 6.49
CA GLN A 293 -13.20 41.40 5.22
C GLN A 293 -11.78 40.87 5.04
N PHE A 294 -11.32 40.85 3.80
CA PHE A 294 -9.98 40.38 3.47
C PHE A 294 -9.76 38.91 3.83
N LEU A 295 -10.65 38.06 3.33
CA LEU A 295 -10.55 36.62 3.54
C LEU A 295 -9.78 36.07 2.33
N HIS A 296 -8.66 35.41 2.59
CA HIS A 296 -7.81 34.88 1.51
C HIS A 296 -7.71 33.36 1.56
N ASP A 297 -7.71 32.73 0.39
CA ASP A 297 -7.53 31.27 0.33
C ASP A 297 -6.59 30.96 -0.83
N ASN A 298 -5.38 30.54 -0.50
CA ASN A 298 -4.41 30.20 -1.53
C ASN A 298 -4.98 29.08 -2.37
N PRO A 299 -4.99 29.24 -3.70
CA PRO A 299 -5.52 28.20 -4.57
C PRO A 299 -4.54 27.04 -4.71
N ARG A 300 -5.10 25.85 -4.91
CA ARG A 300 -4.32 24.65 -5.10
C ARG A 300 -4.64 24.12 -6.48
N ASN A 301 -3.62 23.91 -7.29
CA ASN A 301 -3.82 23.32 -8.61
C ASN A 301 -2.94 22.09 -8.57
N PHE A 302 -3.31 21.08 -9.34
CA PHE A 302 -2.59 19.83 -9.22
C PHE A 302 -2.71 18.90 -10.41
N ILE A 303 -1.95 17.81 -10.35
CA ILE A 303 -1.99 16.78 -11.36
C ILE A 303 -1.92 15.45 -10.62
N ASN A 304 -2.87 14.56 -10.92
CA ASN A 304 -2.92 13.23 -10.31
C ASN A 304 -2.45 12.22 -11.33
N ILE A 305 -1.41 11.45 -10.99
CA ILE A 305 -0.94 10.43 -11.91
C ILE A 305 -1.23 9.06 -11.31
N LEU A 306 -1.54 8.10 -12.18
CA LEU A 306 -1.84 6.74 -11.78
C LEU A 306 -0.73 5.85 -12.33
N PRO A 307 0.34 5.62 -11.55
CA PRO A 307 1.46 4.79 -11.99
C PRO A 307 1.03 3.37 -12.34
N PRO A 308 1.65 2.77 -13.38
CA PRO A 308 1.33 1.41 -13.79
C PRO A 308 1.77 0.41 -12.73
N ASN A 309 2.73 0.82 -11.91
CA ASN A 309 3.24 0.00 -10.83
C ASN A 309 2.89 0.72 -9.55
N PRO A 310 2.20 0.02 -8.63
CA PRO A 310 1.78 0.61 -7.36
C PRO A 310 2.88 1.33 -6.58
N ILE A 311 2.51 2.44 -5.95
CA ILE A 311 3.44 3.19 -5.13
C ILE A 311 2.83 3.17 -3.73
N GLU A 312 3.66 3.39 -2.71
CA GLU A 312 3.17 3.34 -1.34
C GLU A 312 2.69 4.70 -0.85
N PRO A 313 1.69 4.70 0.04
CA PRO A 313 1.19 5.96 0.59
C PRO A 313 2.26 6.61 1.46
N THR A 314 2.29 7.93 1.48
CA THR A 314 3.29 8.64 2.26
C THR A 314 2.75 9.93 2.87
N ILE A 315 3.46 10.44 3.85
CA ILE A 315 3.10 11.72 4.45
C ILE A 315 3.98 12.72 3.73
N VAL A 316 3.46 13.91 3.45
CA VAL A 316 4.24 14.91 2.74
C VAL A 316 5.38 15.42 3.61
N THR A 317 6.60 15.34 3.08
CA THR A 317 7.76 15.83 3.80
C THR A 317 8.68 16.63 2.87
N VAL A 318 8.66 16.30 1.59
CA VAL A 318 9.50 16.99 0.61
C VAL A 318 8.78 18.19 0.00
N LEU A 319 9.37 19.37 0.18
CA LEU A 319 8.78 20.58 -0.36
C LEU A 319 9.67 21.23 -1.42
N GLY A 320 9.04 21.64 -2.52
CA GLY A 320 9.74 22.31 -3.61
C GLY A 320 9.25 23.74 -3.56
N ILE A 321 10.06 24.62 -2.98
CA ILE A 321 9.69 26.02 -2.80
C ILE A 321 10.21 27.02 -3.82
N SER A 322 9.29 27.77 -4.42
CA SER A 322 9.64 28.82 -5.36
C SER A 322 9.08 30.09 -4.72
N ASN A 323 9.52 31.25 -5.19
CA ASN A 323 9.05 32.49 -4.61
C ASN A 323 7.56 32.74 -4.80
N ASP A 324 7.03 32.29 -5.94
CA ASP A 324 5.61 32.51 -6.25
C ASP A 324 4.66 31.35 -6.05
N PHE A 325 5.19 30.16 -5.77
CA PHE A 325 4.35 28.99 -5.58
C PHE A 325 5.12 27.92 -4.80
N TYR A 326 4.40 27.10 -4.04
CA TYR A 326 5.00 26.06 -3.22
C TYR A 326 4.44 24.72 -3.65
N GLN A 327 5.31 23.73 -3.78
CA GLN A 327 4.85 22.44 -4.28
C GLN A 327 5.28 21.22 -3.47
N CYS A 328 4.56 20.12 -3.68
CA CYS A 328 4.84 18.87 -2.99
C CYS A 328 4.07 17.77 -3.69
N SER A 329 4.26 16.52 -3.24
CA SER A 329 3.54 15.40 -3.83
C SER A 329 3.05 14.49 -2.72
N PHE A 330 1.76 14.14 -2.80
CA PHE A 330 1.13 13.27 -1.83
C PHE A 330 0.77 11.96 -2.53
N SER A 331 1.27 10.84 -2.01
CA SER A 331 0.95 9.54 -2.60
C SER A 331 -0.09 8.91 -1.69
N SER A 332 -1.07 8.23 -2.27
CA SER A 332 -2.14 7.64 -1.48
C SER A 332 -2.76 6.38 -2.06
N LEU A 333 -3.55 5.70 -1.23
CA LEU A 333 -4.26 4.50 -1.64
C LEU A 333 -5.50 4.97 -2.38
N PRO A 334 -6.13 4.09 -3.16
CA PRO A 334 -7.33 4.48 -3.90
C PRO A 334 -8.55 4.62 -2.98
N PHE A 335 -9.54 5.40 -3.41
CA PHE A 335 -10.76 5.53 -2.62
C PHE A 335 -12.00 5.32 -3.47
N THR A 336 -13.10 5.01 -2.80
CA THR A 336 -14.36 4.83 -3.50
C THR A 336 -15.32 5.80 -2.84
N THR A 337 -14.89 6.35 -1.71
CA THR A 337 -15.65 7.36 -1.00
C THR A 337 -14.74 8.59 -1.09
N PRO A 338 -15.26 9.69 -1.64
CA PRO A 338 -14.49 10.92 -1.78
C PRO A 338 -14.17 11.65 -0.49
N PRO A 339 -12.90 12.05 -0.30
CA PRO A 339 -12.51 12.78 0.91
C PRO A 339 -12.97 14.20 0.60
N PHE A 340 -13.96 14.70 1.33
CA PHE A 340 -14.47 16.03 1.05
C PHE A 340 -13.38 17.09 1.10
N GLY A 341 -13.35 17.95 0.09
CA GLY A 341 -12.35 19.01 0.04
C GLY A 341 -11.07 18.65 -0.68
N PHE A 342 -10.79 17.36 -0.85
CA PHE A 342 -9.57 16.94 -1.54
C PHE A 342 -9.67 17.40 -2.99
N PHE A 343 -10.77 17.05 -3.65
CA PHE A 343 -11.02 17.49 -5.01
C PHE A 343 -12.07 18.58 -4.84
N PRO A 344 -12.09 19.57 -5.74
CA PRO A 344 -13.04 20.70 -5.67
C PRO A 344 -14.54 20.46 -5.66
N SER A 345 -14.98 19.33 -6.21
CA SER A 345 -16.42 19.02 -6.25
C SER A 345 -16.65 17.56 -5.94
N SER A 346 -17.87 17.23 -5.54
CA SER A 346 -18.22 15.85 -5.24
C SER A 346 -18.28 15.02 -6.52
N SER A 347 -18.32 15.69 -7.67
CA SER A 347 -18.35 14.97 -8.94
C SER A 347 -16.97 14.99 -9.56
N TYR A 348 -16.09 14.16 -9.00
CA TYR A 348 -14.73 14.06 -9.48
C TYR A 348 -14.45 12.56 -9.53
N PRO A 349 -13.78 12.09 -10.59
CA PRO A 349 -13.49 10.66 -10.68
C PRO A 349 -12.62 10.18 -9.52
N LEU A 350 -12.95 9.00 -9.00
CA LEU A 350 -12.19 8.44 -7.89
C LEU A 350 -11.15 7.44 -8.38
N PRO A 351 -9.97 7.42 -7.74
CA PRO A 351 -8.89 6.50 -8.12
C PRO A 351 -9.13 5.09 -7.61
N ASN A 352 -9.01 4.10 -8.51
CA ASN A 352 -9.21 2.71 -8.13
C ASN A 352 -7.87 1.99 -7.96
N SER A 353 -6.79 2.77 -7.96
CA SER A 353 -5.44 2.26 -7.77
C SER A 353 -4.64 3.33 -7.03
N THR A 354 -3.41 3.02 -6.64
CA THR A 354 -2.59 4.00 -5.92
C THR A 354 -2.29 5.17 -6.86
N PHE A 355 -2.17 6.36 -6.31
CA PHE A 355 -1.91 7.54 -7.14
C PHE A 355 -1.05 8.57 -6.42
N ALA A 356 -0.51 9.51 -7.19
CA ALA A 356 0.31 10.57 -6.65
C ALA A 356 -0.35 11.89 -7.03
N HIS A 357 -0.48 12.77 -6.06
CA HIS A 357 -1.11 14.07 -6.21
C HIS A 357 -0.04 15.17 -6.15
N PHE A 358 0.35 15.71 -7.29
CA PHE A 358 1.34 16.79 -7.31
C PHE A 358 0.57 18.09 -7.13
N ALA A 359 0.81 18.75 -6.00
CA ALA A 359 0.09 19.98 -5.67
C ALA A 359 0.95 21.24 -5.75
N SER A 360 0.30 22.34 -6.13
CA SER A 360 0.97 23.62 -6.27
C SER A 360 0.13 24.71 -5.61
N LYS A 361 0.72 25.38 -4.63
CA LYS A 361 0.04 26.44 -3.90
C LYS A 361 0.58 27.80 -4.34
N VAL A 362 -0.31 28.69 -4.75
CA VAL A 362 0.10 30.03 -5.17
C VAL A 362 0.36 30.87 -3.93
N ALA A 363 1.47 31.61 -3.94
CA ALA A 363 1.86 32.46 -2.83
C ALA A 363 0.83 33.57 -2.59
N GLY A 364 0.80 34.08 -1.36
CA GLY A 364 -0.15 35.14 -1.03
C GLY A 364 -1.39 34.60 -0.36
N PRO A 365 -2.54 34.58 -1.06
CA PRO A 365 -2.74 35.04 -2.44
C PRO A 365 -3.12 36.52 -2.42
N LEU A 366 -3.02 37.20 -3.56
CA LEU A 366 -3.38 38.61 -3.60
C LEU A 366 -4.90 38.76 -3.65
N SER A 367 -5.57 37.75 -4.22
CA SER A 367 -7.02 37.75 -4.32
C SER A 367 -7.65 37.51 -2.97
N TYR A 368 -8.79 38.13 -2.72
CA TYR A 368 -9.49 37.95 -1.45
C TYR A 368 -10.98 38.19 -1.59
N GLY A 369 -11.72 37.74 -0.59
CA GLY A 369 -13.16 37.91 -0.57
C GLY A 369 -13.59 38.28 0.83
N SER A 370 -14.81 37.93 1.21
CA SER A 370 -15.30 38.26 2.54
C SER A 370 -16.18 37.19 3.14
N LEU A 371 -16.43 37.32 4.43
CA LEU A 371 -17.26 36.39 5.17
C LEU A 371 -18.53 37.11 5.65
N THR A 372 -19.67 36.46 5.47
CA THR A 372 -20.95 37.02 5.90
C THR A 372 -21.72 35.94 6.63
N LEU A 373 -22.64 36.35 7.50
CA LEU A 373 -23.43 35.38 8.25
C LEU A 373 -24.52 34.72 7.42
N LYS A 374 -24.82 33.47 7.79
CA LYS A 374 -25.85 32.70 7.12
C LYS A 374 -27.04 32.65 8.07
N SER A 375 -26.74 32.91 9.35
CA SER A 375 -27.74 32.96 10.40
C SER A 375 -27.36 34.15 11.25
N SER A 376 -28.32 34.99 11.57
CA SER A 376 -28.03 36.16 12.37
C SER A 376 -28.03 35.83 13.87
N SER A 377 -28.29 34.57 14.20
CA SER A 377 -28.35 34.18 15.60
C SER A 377 -27.72 32.83 15.97
N ASN A 378 -27.63 31.92 15.01
CA ASN A 378 -27.08 30.60 15.29
C ASN A 378 -25.62 30.45 14.86
N VAL A 379 -24.73 30.36 15.85
CA VAL A 379 -23.30 30.23 15.60
C VAL A 379 -22.95 28.86 15.01
N ARG A 380 -23.88 27.92 15.07
CA ARG A 380 -23.63 26.59 14.53
C ARG A 380 -23.94 26.48 13.05
N VAL A 381 -24.46 27.55 12.46
CA VAL A 381 -24.74 27.59 11.04
C VAL A 381 -23.52 28.22 10.37
N SER A 382 -22.87 27.44 9.51
CA SER A 382 -21.66 27.91 8.84
C SER A 382 -21.84 29.22 8.09
N PRO A 383 -20.88 30.14 8.23
CA PRO A 383 -20.95 31.45 7.55
C PRO A 383 -20.73 31.28 6.05
N ASN A 384 -21.08 32.32 5.29
CA ASN A 384 -20.85 32.28 3.85
C ASN A 384 -19.47 32.88 3.65
N VAL A 385 -18.69 32.26 2.76
CA VAL A 385 -17.37 32.78 2.49
C VAL A 385 -17.08 32.71 0.99
N LYS A 386 -16.46 33.76 0.47
CA LYS A 386 -16.07 33.79 -0.93
C LYS A 386 -14.62 34.23 -0.96
N PHE A 387 -13.82 33.57 -1.79
CA PHE A 387 -12.40 33.87 -1.86
C PHE A 387 -11.96 34.57 -3.15
N ASN A 388 -12.81 34.53 -4.17
CA ASN A 388 -12.52 35.17 -5.45
C ASN A 388 -11.20 34.69 -6.06
N TYR A 389 -11.07 33.38 -6.19
CA TYR A 389 -9.87 32.79 -6.76
C TYR A 389 -9.53 33.43 -8.10
N TYR A 390 -8.26 33.80 -8.25
CA TYR A 390 -7.75 34.39 -9.48
C TYR A 390 -8.38 35.69 -9.96
N SER A 391 -9.02 36.41 -9.04
CA SER A 391 -9.60 37.70 -9.39
C SER A 391 -8.43 38.65 -9.63
N ASN A 392 -7.33 38.40 -8.92
CA ASN A 392 -6.13 39.21 -9.10
C ASN A 392 -5.28 38.43 -10.10
N LEU A 393 -5.04 39.02 -11.25
CA LEU A 393 -4.29 38.34 -12.30
C LEU A 393 -2.86 37.94 -11.96
N THR A 394 -2.27 38.57 -10.94
CA THR A 394 -0.92 38.19 -10.55
C THR A 394 -0.96 36.78 -9.97
N ASP A 395 -2.06 36.44 -9.29
CA ASP A 395 -2.18 35.09 -8.74
C ASP A 395 -2.23 34.09 -9.88
N LEU A 396 -2.94 34.44 -10.95
CA LEU A 396 -3.08 33.57 -12.12
C LEU A 396 -1.73 33.34 -12.78
N SER A 397 -0.94 34.41 -12.91
CA SER A 397 0.38 34.32 -13.50
C SER A 397 1.21 33.33 -12.71
N HIS A 398 1.10 33.40 -11.39
CA HIS A 398 1.85 32.52 -10.51
C HIS A 398 1.35 31.07 -10.64
N CYS A 399 0.06 30.88 -10.89
CA CYS A 399 -0.45 29.53 -11.04
C CYS A 399 0.12 28.92 -12.33
N VAL A 400 0.18 29.74 -13.38
CA VAL A 400 0.71 29.28 -14.65
C VAL A 400 2.15 28.85 -14.48
N SER A 401 2.97 29.69 -13.88
CA SER A 401 4.38 29.36 -13.66
C SER A 401 4.48 28.09 -12.84
N GLY A 402 3.64 27.99 -11.82
CA GLY A 402 3.64 26.82 -10.95
C GLY A 402 3.30 25.53 -11.67
N MET A 403 2.27 25.56 -12.50
CA MET A 403 1.89 24.36 -13.21
C MET A 403 2.89 23.99 -14.30
N LYS A 404 3.61 24.98 -14.81
CA LYS A 404 4.65 24.71 -15.80
C LYS A 404 5.77 23.96 -15.07
N LYS A 405 6.00 24.33 -13.81
CA LYS A 405 7.04 23.66 -13.04
C LYS A 405 6.62 22.21 -12.80
N ILE A 406 5.32 22.00 -12.55
CA ILE A 406 4.83 20.64 -12.35
C ILE A 406 5.06 19.90 -13.66
N GLY A 407 4.85 20.59 -14.77
CA GLY A 407 5.07 19.98 -16.08
C GLY A 407 6.52 19.53 -16.20
N GLU A 408 7.44 20.33 -15.65
CA GLU A 408 8.85 19.97 -15.67
C GLU A 408 9.08 18.69 -14.88
N LEU A 409 8.47 18.61 -13.69
CA LEU A 409 8.62 17.43 -12.86
C LEU A 409 8.14 16.20 -13.62
N LEU A 410 7.02 16.33 -14.32
CA LEU A 410 6.46 15.24 -15.08
C LEU A 410 7.36 14.84 -16.26
N SER A 411 8.26 15.73 -16.65
CA SER A 411 9.14 15.46 -17.78
C SER A 411 10.54 15.00 -17.37
N THR A 412 10.77 14.85 -16.07
CA THR A 412 12.08 14.43 -15.56
C THR A 412 12.35 12.94 -15.72
N ASP A 413 13.64 12.59 -15.68
CA ASP A 413 14.02 11.19 -15.77
C ASP A 413 13.43 10.49 -14.56
N ALA A 414 13.38 11.22 -13.45
CA ALA A 414 12.86 10.71 -12.19
C ALA A 414 11.43 10.17 -12.27
N LEU A 415 10.56 10.84 -13.03
CA LEU A 415 9.18 10.40 -13.12
C LEU A 415 8.88 9.51 -14.33
N LYS A 416 9.88 9.30 -15.19
CA LYS A 416 9.68 8.45 -16.37
C LYS A 416 9.13 7.06 -16.02
N PRO A 417 9.66 6.42 -14.96
CA PRO A 417 9.19 5.09 -14.57
C PRO A 417 7.71 5.02 -14.18
N TYR A 418 7.08 6.18 -14.01
CA TYR A 418 5.68 6.19 -13.61
C TYR A 418 4.70 6.51 -14.71
N LYS A 419 5.19 6.54 -15.94
CA LYS A 419 4.35 6.78 -17.11
C LYS A 419 3.83 5.43 -17.57
N VAL A 420 2.71 5.43 -18.28
CA VAL A 420 2.14 4.18 -18.78
C VAL A 420 2.71 3.94 -20.19
N GLU A 421 2.99 5.03 -20.89
CA GLU A 421 3.56 4.97 -22.24
C GLU A 421 4.74 5.92 -22.34
N ASP A 422 5.79 5.50 -23.05
CA ASP A 422 6.97 6.34 -23.22
C ASP A 422 6.69 7.41 -24.27
N LEU A 423 6.01 8.48 -23.86
CA LEU A 423 5.68 9.57 -24.78
C LEU A 423 6.47 10.83 -24.43
N PRO A 424 6.65 11.74 -25.41
CA PRO A 424 7.39 12.98 -25.20
C PRO A 424 6.76 13.99 -24.24
N GLY A 425 7.61 14.79 -23.61
CA GLY A 425 7.13 15.81 -22.68
C GLY A 425 6.37 15.31 -21.47
N VAL A 426 5.24 15.94 -21.20
CA VAL A 426 4.40 15.58 -20.06
C VAL A 426 3.41 14.48 -20.39
N GLU A 427 3.45 13.99 -21.63
CA GLU A 427 2.52 12.94 -22.06
C GLU A 427 3.00 11.54 -21.67
N GLY A 428 2.06 10.61 -21.59
CA GLY A 428 2.42 9.24 -21.25
C GLY A 428 1.89 8.75 -19.91
N PHE A 429 1.42 9.67 -19.07
CA PHE A 429 0.88 9.29 -17.78
C PHE A 429 -0.62 8.97 -17.83
N ASN A 430 -1.05 8.15 -16.89
CA ASN A 430 -2.47 7.83 -16.77
C ASN A 430 -2.90 8.91 -15.80
N ILE A 431 -3.64 9.90 -16.30
CA ILE A 431 -4.07 11.02 -15.47
C ILE A 431 -5.49 10.88 -14.91
N LEU A 432 -5.64 11.21 -13.63
CA LEU A 432 -6.95 11.16 -12.99
C LEU A 432 -7.38 12.63 -12.92
N GLY A 433 -8.43 12.98 -13.65
CA GLY A 433 -8.89 14.35 -13.64
C GLY A 433 -8.37 15.15 -14.82
N ILE A 434 -8.32 16.47 -14.67
CA ILE A 434 -7.88 17.35 -15.75
C ILE A 434 -6.37 17.35 -15.96
N PRO A 435 -5.91 17.01 -17.17
CA PRO A 435 -4.48 16.96 -17.48
C PRO A 435 -3.91 18.34 -17.85
N LEU A 436 -2.60 18.45 -17.82
CA LEU A 436 -1.95 19.70 -18.18
C LEU A 436 -2.01 19.86 -19.69
N PRO A 437 -1.93 21.11 -20.19
CA PRO A 437 -1.97 21.29 -21.63
C PRO A 437 -0.69 20.63 -22.13
N LYS A 438 -0.73 19.96 -23.28
CA LYS A 438 0.46 19.30 -23.80
C LYS A 438 1.60 20.29 -24.07
N ASP A 439 1.24 21.41 -24.70
CA ASP A 439 2.20 22.45 -25.05
C ASP A 439 2.57 23.26 -23.81
N GLN A 440 3.79 23.09 -23.32
CA GLN A 440 4.25 23.78 -22.11
C GLN A 440 4.50 25.28 -22.31
N THR A 441 4.34 25.76 -23.54
CA THR A 441 4.54 27.18 -23.81
C THR A 441 3.22 27.90 -24.10
N ASP A 442 2.10 27.16 -24.01
CA ASP A 442 0.79 27.74 -24.27
C ASP A 442 0.20 28.37 -23.01
N ASP A 443 0.60 29.60 -22.73
CA ASP A 443 0.15 30.32 -21.55
C ASP A 443 -1.38 30.39 -21.44
N ALA A 444 -2.06 30.72 -22.52
CA ALA A 444 -3.50 30.81 -22.49
C ALA A 444 -4.12 29.49 -22.04
N ALA A 445 -3.58 28.37 -22.52
CA ALA A 445 -4.10 27.07 -22.14
C ALA A 445 -3.88 26.81 -20.66
N PHE A 446 -2.72 27.24 -20.15
CA PHE A 446 -2.43 27.06 -18.73
C PHE A 446 -3.34 27.92 -17.86
N GLU A 447 -3.70 29.11 -18.36
CA GLU A 447 -4.59 29.98 -17.60
C GLU A 447 -5.95 29.31 -17.47
N THR A 448 -6.44 28.72 -18.55
CA THR A 448 -7.72 28.03 -18.52
C THR A 448 -7.63 26.85 -17.56
N PHE A 449 -6.52 26.13 -17.60
CA PHE A 449 -6.32 24.99 -16.71
C PHE A 449 -6.39 25.47 -15.26
N CYS A 450 -5.66 26.55 -14.97
CA CYS A 450 -5.64 27.11 -13.63
C CYS A 450 -7.02 27.47 -13.11
N ARG A 451 -7.82 28.13 -13.95
CA ARG A 451 -9.15 28.54 -13.54
C ARG A 451 -10.15 27.40 -13.39
N GLU A 452 -10.15 26.48 -14.34
CA GLU A 452 -11.12 25.38 -14.33
C GLU A 452 -10.83 24.18 -13.45
N SER A 453 -9.59 24.05 -12.98
CA SER A 453 -9.23 22.90 -12.16
C SER A 453 -8.89 23.25 -10.72
N VAL A 454 -9.02 24.52 -10.38
CA VAL A 454 -8.68 25.00 -9.05
C VAL A 454 -9.41 24.33 -7.88
N ALA A 455 -8.70 24.23 -6.76
CA ALA A 455 -9.22 23.67 -5.51
C ALA A 455 -8.64 24.52 -4.40
N SER A 456 -8.99 24.21 -3.16
CA SER A 456 -8.44 24.96 -2.03
C SER A 456 -7.23 24.24 -1.45
N TYR A 457 -6.22 24.99 -1.00
CA TYR A 457 -5.07 24.37 -0.40
C TYR A 457 -5.36 24.23 1.10
N TRP A 458 -6.55 24.68 1.50
CA TRP A 458 -7.02 24.61 2.88
C TRP A 458 -6.25 25.52 3.84
N HIS A 459 -5.46 26.43 3.29
CA HIS A 459 -4.69 27.33 4.13
C HIS A 459 -5.29 28.73 4.18
N TYR A 460 -6.62 28.79 4.08
CA TYR A 460 -7.32 30.07 4.12
C TYR A 460 -6.97 30.79 5.42
N HIS A 461 -7.01 32.11 5.37
CA HIS A 461 -6.65 32.94 6.50
C HIS A 461 -7.22 34.34 6.29
N GLY A 462 -7.02 35.20 7.27
CA GLY A 462 -7.53 36.56 7.18
C GLY A 462 -8.92 36.69 7.76
N GLY A 463 -9.54 37.85 7.56
CA GLY A 463 -10.88 38.07 8.07
C GLY A 463 -10.95 38.96 9.30
N CYS A 464 -9.81 39.20 9.94
CA CYS A 464 -9.72 40.03 11.13
C CYS A 464 -8.26 40.48 11.19
N LEU A 465 -7.85 41.21 10.16
CA LEU A 465 -6.48 41.66 10.01
C LEU A 465 -5.91 42.70 10.96
N VAL A 466 -4.62 42.53 11.25
CA VAL A 466 -3.89 43.47 12.07
C VAL A 466 -3.81 44.70 11.16
N GLY A 467 -4.11 45.87 11.72
CA GLY A 467 -4.08 47.08 10.91
C GLY A 467 -5.44 47.44 10.34
N LYS A 468 -6.39 46.51 10.46
CA LYS A 468 -7.75 46.72 9.96
C LYS A 468 -8.72 46.59 11.13
N VAL A 469 -8.65 45.47 11.83
CA VAL A 469 -9.53 45.24 12.98
C VAL A 469 -8.71 45.23 14.27
N LEU A 470 -7.50 44.68 14.20
CA LEU A 470 -6.62 44.59 15.35
C LEU A 470 -5.44 45.54 15.31
N ASP A 471 -4.84 45.78 16.48
CA ASP A 471 -3.67 46.64 16.54
C ASP A 471 -2.44 45.73 16.62
N GLY A 472 -1.26 46.32 16.79
CA GLY A 472 -0.03 45.54 16.85
C GLY A 472 0.10 44.55 17.99
N ASP A 473 -0.82 44.63 18.96
CA ASP A 473 -0.80 43.74 20.11
C ASP A 473 -1.95 42.75 20.02
N PHE A 474 -2.56 42.67 18.85
CA PHE A 474 -3.69 41.78 18.57
C PHE A 474 -4.97 42.12 19.29
N ARG A 475 -5.06 43.34 19.81
CA ARG A 475 -6.27 43.79 20.50
C ARG A 475 -7.26 44.30 19.46
N VAL A 476 -8.55 44.06 19.71
CA VAL A 476 -9.59 44.57 18.82
C VAL A 476 -9.65 46.05 19.17
N THR A 477 -9.32 46.90 18.21
CA THR A 477 -9.32 48.34 18.47
C THR A 477 -10.66 48.86 18.97
N GLY A 478 -10.60 49.77 19.94
CA GLY A 478 -11.81 50.36 20.48
C GLY A 478 -12.49 49.55 21.58
N ILE A 479 -12.00 48.34 21.82
CA ILE A 479 -12.58 47.49 22.85
C ILE A 479 -11.48 46.98 23.78
N ASN A 480 -11.71 47.11 25.08
CA ASN A 480 -10.73 46.65 26.07
C ASN A 480 -10.97 45.17 26.39
N ALA A 481 -9.92 44.52 26.89
CA ALA A 481 -9.98 43.12 27.29
C ALA A 481 -10.43 42.15 26.21
N LEU A 482 -10.12 42.46 24.96
CA LEU A 482 -10.51 41.59 23.85
C LEU A 482 -9.41 41.52 22.79
N ARG A 483 -8.97 40.30 22.50
CA ARG A 483 -7.94 40.11 21.48
C ARG A 483 -8.35 38.97 20.56
N VAL A 484 -7.63 38.83 19.45
CA VAL A 484 -7.86 37.78 18.48
C VAL A 484 -6.50 37.18 18.16
N VAL A 485 -6.39 35.86 18.31
CA VAL A 485 -5.14 35.17 18.04
C VAL A 485 -5.41 33.83 17.35
N ASP A 486 -5.20 33.81 16.05
CA ASP A 486 -5.38 32.61 15.22
C ASP A 486 -5.02 32.99 13.78
N GLY A 487 -5.45 32.18 12.82
CA GLY A 487 -5.12 32.45 11.42
C GLY A 487 -5.85 33.59 10.74
N SER A 488 -6.73 34.29 11.47
CA SER A 488 -7.50 35.37 10.87
C SER A 488 -6.79 36.73 10.83
N THR A 489 -5.62 36.84 11.46
CA THR A 489 -4.96 38.14 11.57
C THR A 489 -4.03 38.68 10.48
N PHE A 490 -3.65 37.88 9.51
CA PHE A 490 -2.78 38.37 8.45
C PHE A 490 -3.32 38.07 7.06
N PRO A 491 -3.04 38.94 6.08
CA PRO A 491 -3.51 38.78 4.70
C PRO A 491 -2.85 37.70 3.86
N TYR A 492 -1.57 37.44 4.09
CA TYR A 492 -0.88 36.43 3.31
C TYR A 492 -0.41 35.24 4.13
N THR A 493 -0.24 34.10 3.47
CA THR A 493 0.21 32.90 4.16
C THR A 493 1.67 33.06 4.55
N PRO A 494 2.03 32.68 5.79
CA PRO A 494 3.39 32.79 6.31
C PRO A 494 4.44 31.84 5.73
N ALA A 495 4.00 30.77 5.09
CA ALA A 495 4.91 29.79 4.50
C ALA A 495 4.09 28.83 3.65
N SER A 496 4.74 27.82 3.10
CA SER A 496 4.04 26.85 2.27
C SER A 496 2.98 26.15 3.11
N HIS A 497 3.27 26.00 4.41
CA HIS A 497 2.37 25.36 5.36
C HIS A 497 2.40 26.24 6.60
N PRO A 498 1.24 26.84 6.93
CA PRO A 498 1.04 27.75 8.06
C PRO A 498 0.85 27.29 9.50
N GLN A 499 0.63 26.00 9.75
CA GLN A 499 0.41 25.61 11.13
C GLN A 499 1.57 25.96 12.07
N GLY A 500 2.80 25.87 11.58
CA GLY A 500 3.94 26.21 12.42
C GLY A 500 3.83 27.62 12.96
N PHE A 501 3.52 28.56 12.08
CA PHE A 501 3.39 29.95 12.48
C PHE A 501 2.20 30.17 13.43
N TYR A 502 1.05 29.58 13.11
CA TYR A 502 -0.13 29.74 13.97
C TYR A 502 0.08 29.10 15.34
N LEU A 503 0.82 28.00 15.39
CA LEU A 503 1.08 27.34 16.67
C LEU A 503 1.96 28.27 17.50
N MET A 504 3.00 28.79 16.86
CA MET A 504 3.93 29.70 17.51
C MET A 504 3.20 30.96 17.99
N LEU A 505 2.35 31.50 17.13
CA LEU A 505 1.58 32.71 17.44
C LEU A 505 0.82 32.62 18.76
N GLY A 506 0.20 31.47 19.00
CA GLY A 506 -0.56 31.31 20.23
C GLY A 506 0.26 31.58 21.48
N ARG A 507 1.40 30.91 21.59
CA ARG A 507 2.25 31.13 22.77
C ARG A 507 2.90 32.51 22.73
N TYR A 508 3.29 32.96 21.55
CA TYR A 508 3.92 34.26 21.41
C TYR A 508 3.08 35.35 22.08
N VAL A 509 1.83 35.47 21.67
CA VAL A 509 0.95 36.47 22.25
C VAL A 509 0.72 36.19 23.73
N GLY A 510 0.68 34.91 24.09
CA GLY A 510 0.49 34.55 25.48
C GLY A 510 1.63 35.12 26.30
N ILE A 511 2.85 35.00 25.80
CA ILE A 511 4.02 35.52 26.51
C ILE A 511 3.96 37.05 26.57
N LYS A 512 3.53 37.68 25.48
CA LYS A 512 3.43 39.14 25.46
C LYS A 512 2.44 39.62 26.51
N ILE A 513 1.37 38.85 26.70
CA ILE A 513 0.36 39.22 27.70
C ILE A 513 0.93 39.08 29.11
N LEU A 514 1.68 38.01 29.35
CA LEU A 514 2.27 37.80 30.67
C LEU A 514 3.28 38.90 30.97
N GLN A 515 4.06 39.29 29.96
CA GLN A 515 5.04 40.35 30.15
C GLN A 515 4.32 41.65 30.48
N GLU A 516 3.15 41.83 29.87
CA GLU A 516 2.36 43.03 30.11
C GLU A 516 1.80 43.04 31.54
N ARG A 517 1.33 41.88 31.99
CA ARG A 517 0.79 41.77 33.34
C ARG A 517 1.89 41.93 34.39
N SER A 518 3.13 41.63 34.01
CA SER A 518 4.26 41.76 34.92
C SER A 518 4.60 43.22 35.16
N ALA A 519 4.59 44.00 34.09
CA ALA A 519 4.91 45.43 34.18
C ALA A 519 3.83 46.20 34.94
N SER A 520 2.57 45.85 34.70
CA SER A 520 1.46 46.53 35.37
C SER A 520 1.17 45.95 36.75
N ASP A 521 1.92 44.92 37.11
CA ASP A 521 1.74 44.28 38.41
C ASP A 521 2.31 45.14 39.53
N LEU B 1 23.50 -32.54 0.14
CA LEU B 1 22.44 -33.48 -0.33
C LEU B 1 22.09 -34.48 0.77
N ALA B 2 20.92 -35.09 0.62
CA ALA B 2 20.44 -36.06 1.59
C ALA B 2 20.85 -37.49 1.23
N THR B 3 20.62 -38.41 2.17
CA THR B 3 20.95 -39.81 1.97
C THR B 3 19.65 -40.61 1.93
N THR B 4 19.56 -41.52 0.97
CA THR B 4 18.38 -42.35 0.80
C THR B 4 17.81 -42.85 2.12
N SER B 5 16.48 -42.70 2.29
CA SER B 5 15.79 -43.12 3.50
C SER B 5 14.29 -43.13 3.25
N ASP B 6 13.53 -43.63 4.21
CA ASP B 6 12.08 -43.67 4.07
C ASP B 6 11.54 -42.25 4.20
N HIS B 7 10.35 -42.02 3.65
CA HIS B 7 9.72 -40.71 3.73
C HIS B 7 9.50 -40.45 5.21
N ASP B 8 10.03 -39.33 5.70
CA ASP B 8 9.94 -38.98 7.12
C ASP B 8 8.58 -38.40 7.54
N PHE B 9 7.77 -39.21 8.22
CA PHE B 9 6.45 -38.76 8.67
C PHE B 9 6.40 -38.45 10.18
N SER B 10 7.53 -38.03 10.74
CA SER B 10 7.57 -37.71 12.16
C SER B 10 6.60 -36.58 12.49
N TYR B 11 6.40 -35.67 11.55
CA TYR B 11 5.51 -34.54 11.75
C TYR B 11 4.06 -34.93 12.03
N LEU B 12 3.72 -36.20 11.80
CA LEU B 12 2.35 -36.64 12.05
C LEU B 12 1.95 -36.46 13.51
N SER B 13 2.94 -36.30 14.39
CA SER B 13 2.66 -36.12 15.81
C SER B 13 1.90 -34.82 16.06
N PHE B 14 2.04 -33.86 15.14
CA PHE B 14 1.34 -32.59 15.28
C PHE B 14 0.45 -32.25 14.10
N ALA B 15 0.00 -33.30 13.39
CA ALA B 15 -0.89 -33.13 12.24
C ALA B 15 -2.30 -33.46 12.71
N TYR B 16 -3.25 -32.57 12.42
CA TYR B 16 -4.63 -32.75 12.84
C TYR B 16 -5.61 -32.55 11.70
N ASP B 17 -6.77 -33.19 11.82
CA ASP B 17 -7.81 -33.03 10.81
C ASP B 17 -8.55 -31.78 11.28
N ALA B 18 -9.01 -30.97 10.33
CA ALA B 18 -9.70 -29.73 10.66
C ALA B 18 -10.81 -29.96 11.68
N THR B 19 -11.49 -31.11 11.61
CA THR B 19 -12.57 -31.42 12.53
C THR B 19 -12.08 -31.57 13.97
N ASP B 20 -10.84 -32.00 14.14
CA ASP B 20 -10.28 -32.19 15.48
C ASP B 20 -9.58 -30.94 15.99
N LEU B 21 -9.53 -29.92 15.16
CA LEU B 21 -8.91 -28.65 15.55
C LEU B 21 -9.92 -27.85 16.33
N GLU B 22 -9.43 -26.91 17.14
CA GLU B 22 -10.32 -26.07 17.93
C GLU B 22 -11.19 -25.22 17.02
N LEU B 23 -12.37 -24.83 17.50
CA LEU B 23 -13.29 -24.01 16.73
C LEU B 23 -12.72 -22.60 16.60
N GLU B 24 -12.01 -22.19 17.64
CA GLU B 24 -11.41 -20.85 17.65
C GLU B 24 -10.02 -20.96 18.27
N GLY B 25 -9.01 -20.60 17.49
CA GLY B 25 -7.64 -20.69 17.94
C GLY B 25 -6.84 -19.45 17.70
N SER B 26 -5.78 -19.28 18.49
CA SER B 26 -4.91 -18.10 18.38
C SER B 26 -3.46 -18.57 18.16
N TYR B 27 -2.78 -17.98 17.17
CA TYR B 27 -1.39 -18.34 16.87
C TYR B 27 -0.59 -17.11 16.53
N ASP B 28 0.74 -17.27 16.39
CA ASP B 28 1.60 -16.16 16.03
C ASP B 28 1.53 -16.00 14.51
N TYR B 29 1.54 -17.12 13.80
CA TYR B 29 1.46 -17.12 12.35
C TYR B 29 0.52 -18.20 11.84
N VAL B 30 -0.26 -17.84 10.83
CA VAL B 30 -1.18 -18.79 10.20
C VAL B 30 -0.78 -18.86 8.74
N ILE B 31 -0.39 -20.05 8.30
CA ILE B 31 0.02 -20.28 6.92
C ILE B 31 -1.10 -20.95 6.16
N VAL B 32 -1.53 -20.35 5.05
CA VAL B 32 -2.60 -20.93 4.25
C VAL B 32 -1.97 -21.71 3.10
N GLY B 33 -2.08 -23.03 3.17
CA GLY B 33 -1.52 -23.88 2.13
C GLY B 33 -0.24 -24.55 2.61
N GLY B 34 -0.33 -25.85 2.89
CA GLY B 34 0.85 -26.58 3.33
C GLY B 34 1.53 -27.15 2.11
N GLY B 35 1.94 -26.25 1.21
CA GLY B 35 2.58 -26.68 -0.02
C GLY B 35 4.09 -26.58 -0.08
N THR B 36 4.59 -26.46 -1.30
CA THR B 36 6.01 -26.38 -1.56
C THR B 36 6.69 -25.26 -0.78
N SER B 37 6.15 -24.04 -0.83
CA SER B 37 6.74 -22.94 -0.08
C SER B 37 6.19 -22.90 1.35
N GLY B 38 4.91 -23.26 1.49
CA GLY B 38 4.25 -23.24 2.77
C GLY B 38 4.86 -24.06 3.89
N CYS B 39 5.25 -25.30 3.59
CA CYS B 39 5.83 -26.15 4.63
C CYS B 39 7.15 -25.64 5.20
N PRO B 40 8.13 -25.33 4.33
CA PRO B 40 9.40 -24.83 4.89
C PRO B 40 9.23 -23.49 5.59
N LEU B 41 8.26 -22.69 5.13
CA LEU B 41 8.00 -21.40 5.75
C LEU B 41 7.47 -21.64 7.16
N ALA B 42 6.47 -22.51 7.27
CA ALA B 42 5.87 -22.84 8.55
C ALA B 42 6.91 -23.42 9.52
N ALA B 43 7.71 -24.35 9.03
CA ALA B 43 8.74 -24.99 9.85
C ALA B 43 9.71 -23.96 10.40
N THR B 44 10.15 -23.05 9.54
CA THR B 44 11.10 -22.01 9.92
C THR B 44 10.53 -21.09 11.00
N LEU B 45 9.31 -20.61 10.80
CA LEU B 45 8.68 -19.73 11.77
C LEU B 45 8.48 -20.43 13.11
N SER B 46 8.18 -21.73 13.07
CA SER B 46 7.95 -22.49 14.28
C SER B 46 9.19 -22.61 15.16
N GLU B 47 10.35 -22.23 14.62
CA GLU B 47 11.58 -22.29 15.39
C GLU B 47 11.49 -21.38 16.62
N LYS B 48 10.61 -20.40 16.56
CA LYS B 48 10.44 -19.46 17.66
C LYS B 48 8.99 -19.15 18.02
N TYR B 49 8.10 -19.24 17.04
CA TYR B 49 6.69 -18.92 17.31
C TYR B 49 5.69 -20.03 17.08
N LYS B 50 4.47 -19.79 17.56
CA LYS B 50 3.38 -20.74 17.42
C LYS B 50 2.83 -20.59 16.01
N VAL B 51 2.89 -21.67 15.25
CA VAL B 51 2.45 -21.66 13.87
C VAL B 51 1.38 -22.69 13.56
N LEU B 52 0.41 -22.29 12.73
CA LEU B 52 -0.64 -23.18 12.30
C LEU B 52 -0.64 -23.20 10.78
N VAL B 53 -0.55 -24.40 10.21
CA VAL B 53 -0.57 -24.56 8.76
C VAL B 53 -1.92 -25.18 8.42
N LEU B 54 -2.63 -24.57 7.47
CA LEU B 54 -3.94 -25.08 7.06
C LEU B 54 -3.88 -25.55 5.61
N GLU B 55 -4.06 -26.85 5.42
CA GLU B 55 -4.03 -27.46 4.10
C GLU B 55 -5.38 -28.10 3.76
N ARG B 56 -5.89 -27.83 2.56
CA ARG B 56 -7.17 -28.36 2.13
C ARG B 56 -7.15 -29.85 1.82
N GLY B 57 -6.01 -30.34 1.35
CA GLY B 57 -5.87 -31.74 1.00
C GLY B 57 -5.61 -32.69 2.16
N SER B 58 -5.38 -33.96 1.83
CA SER B 58 -5.13 -35.00 2.82
C SER B 58 -3.65 -35.19 3.13
N LEU B 59 -3.36 -36.09 4.06
CA LEU B 59 -1.97 -36.41 4.41
C LEU B 59 -1.49 -37.30 3.27
N PRO B 60 -0.19 -37.26 2.96
CA PRO B 60 0.34 -38.09 1.88
C PRO B 60 -0.01 -39.57 2.07
N THR B 61 -0.11 -39.99 3.33
CA THR B 61 -0.42 -41.38 3.64
C THR B 61 -1.79 -41.83 3.11
N ALA B 62 -2.68 -40.87 2.86
CA ALA B 62 -4.00 -41.21 2.36
C ALA B 62 -3.95 -41.71 0.92
N TYR B 63 -2.86 -41.39 0.23
CA TYR B 63 -2.66 -41.79 -1.16
C TYR B 63 -1.23 -42.25 -1.38
N PRO B 64 -0.95 -43.52 -1.05
CA PRO B 64 0.35 -44.21 -1.15
C PRO B 64 1.16 -43.99 -2.42
N ASN B 65 0.48 -43.92 -3.56
CA ASN B 65 1.16 -43.75 -4.83
C ASN B 65 1.86 -42.41 -5.04
N VAL B 66 1.69 -41.48 -4.11
CA VAL B 66 2.36 -40.21 -4.21
C VAL B 66 3.74 -40.34 -3.53
N LEU B 67 3.98 -41.50 -2.92
CA LEU B 67 5.23 -41.74 -2.19
C LEU B 67 6.34 -42.48 -2.94
N THR B 68 6.11 -42.81 -4.21
CA THR B 68 7.13 -43.49 -5.02
C THR B 68 7.20 -42.93 -6.43
N ALA B 69 8.35 -43.08 -7.06
CA ALA B 69 8.53 -42.60 -8.42
C ALA B 69 7.61 -43.41 -9.33
N ASP B 70 7.41 -44.68 -8.98
CA ASP B 70 6.55 -45.60 -9.74
C ASP B 70 5.12 -45.10 -9.82
N GLY B 71 4.73 -44.28 -8.85
CA GLY B 71 3.35 -43.79 -8.82
C GLY B 71 3.08 -42.46 -9.49
N PHE B 72 4.11 -41.85 -10.06
CA PHE B 72 3.95 -40.56 -10.73
C PHE B 72 2.78 -40.54 -11.71
N VAL B 73 2.82 -41.43 -12.70
CA VAL B 73 1.76 -41.50 -13.70
C VAL B 73 0.42 -41.88 -13.08
N TYR B 74 0.45 -42.81 -12.12
CA TYR B 74 -0.78 -43.26 -11.47
C TYR B 74 -1.60 -42.10 -10.91
N ASN B 75 -0.95 -41.21 -10.16
CA ASN B 75 -1.65 -40.06 -9.57
C ASN B 75 -2.36 -39.22 -10.63
N LEU B 76 -1.70 -39.02 -11.77
CA LEU B 76 -2.29 -38.23 -12.85
C LEU B 76 -3.45 -38.95 -13.53
N GLN B 77 -3.41 -40.28 -13.53
CA GLN B 77 -4.47 -41.08 -14.16
C GLN B 77 -5.72 -41.19 -13.30
N GLN B 78 -5.56 -40.96 -11.99
CA GLN B 78 -6.68 -41.07 -11.06
C GLN B 78 -7.80 -40.07 -11.26
N GLU B 79 -9.04 -40.56 -11.28
CA GLU B 79 -10.20 -39.70 -11.44
C GLU B 79 -10.23 -38.68 -10.30
N ASP B 80 -10.59 -37.45 -10.64
CA ASP B 80 -10.65 -36.36 -9.66
C ASP B 80 -12.00 -36.39 -8.95
N ASP B 81 -12.00 -36.84 -7.70
CA ASP B 81 -13.23 -36.91 -6.92
C ASP B 81 -13.35 -35.76 -5.94
N GLY B 82 -12.50 -34.75 -6.12
CA GLY B 82 -12.51 -33.59 -5.24
C GLY B 82 -11.66 -33.73 -4.00
N LYS B 83 -11.17 -34.95 -3.75
CA LYS B 83 -10.35 -35.22 -2.57
C LYS B 83 -8.94 -35.70 -2.94
N THR B 84 -8.81 -36.28 -4.13
CA THR B 84 -7.53 -36.80 -4.61
C THR B 84 -6.43 -35.74 -4.61
N PRO B 85 -5.15 -36.17 -4.49
CA PRO B 85 -4.01 -35.27 -4.47
C PRO B 85 -3.76 -34.52 -5.78
N VAL B 86 -4.35 -34.99 -6.87
CA VAL B 86 -4.19 -34.34 -8.17
C VAL B 86 -5.49 -33.69 -8.60
N GLU B 87 -5.54 -32.36 -8.52
CA GLU B 87 -6.75 -31.65 -8.94
C GLU B 87 -6.61 -31.29 -10.41
N ARG B 88 -7.62 -31.67 -11.20
CA ARG B 88 -7.60 -31.40 -12.62
C ARG B 88 -8.26 -30.07 -12.97
N PHE B 89 -7.74 -29.42 -14.00
CA PHE B 89 -8.32 -28.19 -14.49
C PHE B 89 -7.93 -27.99 -15.94
N VAL B 90 -8.67 -27.15 -16.64
CA VAL B 90 -8.40 -26.87 -18.04
C VAL B 90 -8.37 -25.36 -18.21
N SER B 91 -7.28 -24.83 -18.77
CA SER B 91 -7.19 -23.39 -18.96
C SER B 91 -8.16 -22.98 -20.05
N GLU B 92 -8.47 -21.69 -20.10
CA GLU B 92 -9.38 -21.17 -21.11
C GLU B 92 -8.79 -21.37 -22.51
N ASP B 93 -7.49 -21.63 -22.57
CA ASP B 93 -6.82 -21.85 -23.84
C ASP B 93 -7.19 -23.23 -24.36
N GLY B 94 -7.73 -24.05 -23.47
CA GLY B 94 -8.13 -25.41 -23.84
C GLY B 94 -7.06 -26.45 -23.53
N ILE B 95 -6.10 -26.10 -22.69
CA ILE B 95 -5.01 -27.02 -22.34
C ILE B 95 -5.21 -27.65 -20.97
N ASP B 96 -5.25 -28.98 -20.93
CA ASP B 96 -5.42 -29.71 -19.67
C ASP B 96 -4.25 -29.46 -18.73
N ASN B 97 -4.53 -29.43 -17.44
CA ASN B 97 -3.50 -29.16 -16.45
C ASN B 97 -3.89 -29.74 -15.10
N VAL B 98 -2.96 -29.67 -14.14
CA VAL B 98 -3.22 -30.17 -12.80
C VAL B 98 -2.44 -29.38 -11.74
N ARG B 99 -2.91 -29.46 -10.50
CA ARG B 99 -2.25 -28.81 -9.38
C ARG B 99 -2.42 -29.73 -8.19
N GLY B 100 -1.50 -29.67 -7.24
CA GLY B 100 -1.58 -30.52 -6.07
C GLY B 100 -2.68 -30.13 -5.10
N ARG B 101 -3.16 -31.12 -4.36
CA ARG B 101 -4.21 -30.91 -3.35
C ARG B 101 -3.91 -31.97 -2.29
N VAL B 102 -2.85 -31.72 -1.52
CA VAL B 102 -2.40 -32.65 -0.50
C VAL B 102 -1.31 -31.94 0.31
N LEU B 103 -1.05 -32.41 1.53
CA LEU B 103 0.00 -31.81 2.35
C LEU B 103 1.32 -32.05 1.63
N GLY B 104 2.09 -31.00 1.43
CA GLY B 104 3.34 -31.09 0.71
C GLY B 104 3.12 -30.40 -0.62
N GLY B 105 1.87 -30.12 -0.92
CA GLY B 105 1.53 -29.43 -2.15
C GLY B 105 1.87 -30.19 -3.41
N THR B 106 2.16 -29.45 -4.47
CA THR B 106 2.48 -30.03 -5.76
C THR B 106 3.85 -30.74 -5.76
N SER B 107 4.67 -30.50 -4.74
CA SER B 107 5.97 -31.17 -4.67
C SER B 107 5.74 -32.65 -4.39
N ILE B 108 4.53 -32.99 -3.97
CA ILE B 108 4.16 -34.37 -3.65
C ILE B 108 3.67 -35.15 -4.88
N ILE B 109 3.39 -34.44 -5.97
CA ILE B 109 2.90 -35.11 -7.16
C ILE B 109 3.72 -34.79 -8.41
N ASN B 110 4.83 -34.09 -8.25
CA ASN B 110 5.63 -33.71 -9.41
C ASN B 110 6.62 -34.74 -9.93
N ALA B 111 7.41 -34.33 -10.92
CA ALA B 111 8.40 -35.22 -11.55
C ALA B 111 9.75 -35.29 -10.83
N GLY B 112 9.81 -34.72 -9.63
CA GLY B 112 11.02 -34.77 -8.83
C GLY B 112 12.29 -34.04 -9.23
N VAL B 113 12.32 -33.43 -10.40
CA VAL B 113 13.54 -32.74 -10.83
C VAL B 113 13.87 -31.55 -9.92
N TYR B 114 15.10 -31.51 -9.42
CA TYR B 114 15.52 -30.43 -8.54
C TYR B 114 16.64 -29.59 -9.12
N ALA B 115 16.44 -28.28 -9.15
CA ALA B 115 17.44 -27.36 -9.66
C ALA B 115 17.43 -26.05 -8.86
N ARG B 116 18.59 -25.44 -8.73
CA ARG B 116 18.68 -24.15 -8.04
C ARG B 116 18.35 -23.12 -9.11
N ALA B 117 17.84 -21.97 -8.69
CA ALA B 117 17.48 -20.92 -9.62
C ALA B 117 18.68 -20.33 -10.35
N ASN B 118 18.42 -19.84 -11.55
CA ASN B 118 19.43 -19.18 -12.39
C ASN B 118 19.98 -18.05 -11.51
N THR B 119 21.28 -18.10 -11.21
CA THR B 119 21.88 -17.08 -10.36
C THR B 119 21.81 -15.63 -10.86
N SER B 120 21.44 -15.45 -12.11
CA SER B 120 21.36 -14.10 -12.68
C SER B 120 20.01 -13.41 -12.55
N ILE B 121 19.01 -14.13 -12.05
CA ILE B 121 17.67 -13.56 -11.93
C ILE B 121 17.39 -12.75 -10.67
N TYR B 122 18.17 -12.96 -9.62
CA TYR B 122 17.95 -12.27 -8.35
C TYR B 122 18.11 -10.76 -8.43
N SER B 123 19.10 -10.32 -9.20
CA SER B 123 19.40 -8.91 -9.33
C SER B 123 18.28 -7.93 -9.65
N ALA B 124 17.56 -8.16 -10.74
CA ALA B 124 16.48 -7.24 -11.11
C ALA B 124 15.09 -7.80 -10.84
N SER B 125 14.96 -8.43 -9.69
CA SER B 125 13.69 -9.05 -9.31
C SER B 125 12.71 -8.24 -8.46
N GLY B 126 13.17 -7.16 -7.85
CA GLY B 126 12.27 -6.37 -7.02
C GLY B 126 12.47 -6.72 -5.56
N VAL B 127 13.39 -7.64 -5.31
CA VAL B 127 13.72 -8.08 -3.96
C VAL B 127 15.24 -8.00 -3.81
N ASP B 128 15.72 -7.42 -2.71
CA ASP B 128 17.15 -7.36 -2.49
C ASP B 128 17.49 -8.64 -1.75
N TRP B 129 18.06 -9.58 -2.49
CA TRP B 129 18.39 -10.88 -1.91
C TRP B 129 19.66 -10.98 -1.08
N ASP B 130 19.53 -11.68 0.03
CA ASP B 130 20.66 -11.93 0.93
C ASP B 130 21.16 -13.25 0.34
N MET B 131 22.14 -13.17 -0.57
CA MET B 131 22.65 -14.36 -1.23
C MET B 131 23.28 -15.40 -0.31
N ASP B 132 23.83 -14.95 0.82
CA ASP B 132 24.41 -15.90 1.76
C ASP B 132 23.26 -16.73 2.33
N LEU B 133 22.16 -16.05 2.66
CA LEU B 133 20.99 -16.72 3.20
C LEU B 133 20.35 -17.64 2.16
N VAL B 134 20.27 -17.15 0.93
CA VAL B 134 19.69 -17.94 -0.16
C VAL B 134 20.38 -19.30 -0.25
N ASN B 135 21.71 -19.29 -0.31
CA ASN B 135 22.47 -20.53 -0.40
C ASN B 135 22.38 -21.38 0.85
N GLN B 136 22.38 -20.75 2.01
CA GLN B 136 22.28 -21.52 3.25
C GLN B 136 20.93 -22.23 3.25
N THR B 137 19.92 -21.57 2.71
CA THR B 137 18.59 -22.13 2.64
C THR B 137 18.51 -23.26 1.62
N TYR B 138 19.16 -23.11 0.47
CA TYR B 138 19.18 -24.19 -0.51
C TYR B 138 19.79 -25.43 0.13
N GLU B 139 20.91 -25.23 0.85
CA GLU B 139 21.59 -26.34 1.52
C GLU B 139 20.68 -27.00 2.56
N TRP B 140 19.92 -26.18 3.27
CA TRP B 140 19.00 -26.65 4.29
C TRP B 140 17.97 -27.60 3.67
N VAL B 141 17.44 -27.20 2.51
CA VAL B 141 16.45 -28.02 1.81
C VAL B 141 17.10 -29.27 1.22
N GLU B 142 18.22 -29.06 0.54
CA GLU B 142 18.94 -30.15 -0.12
C GLU B 142 19.43 -31.23 0.83
N ASP B 143 19.85 -30.85 2.03
CA ASP B 143 20.34 -31.85 2.99
C ASP B 143 19.19 -32.70 3.53
N THR B 144 17.95 -32.27 3.25
CA THR B 144 16.78 -32.97 3.73
C THR B 144 16.02 -33.80 2.70
N ILE B 145 15.83 -33.27 1.50
CA ILE B 145 15.07 -33.99 0.48
C ILE B 145 15.61 -34.05 -0.95
N VAL B 146 16.88 -33.70 -1.16
CA VAL B 146 17.44 -33.76 -2.51
C VAL B 146 18.53 -34.82 -2.60
N TYR B 147 18.50 -35.61 -3.67
CA TYR B 147 19.45 -36.70 -3.84
C TYR B 147 20.19 -36.74 -5.16
N LYS B 148 21.42 -37.24 -5.12
CA LYS B 148 22.21 -37.40 -6.33
C LYS B 148 21.59 -38.70 -6.86
N PRO B 149 21.03 -38.67 -8.08
CA PRO B 149 20.39 -39.84 -8.68
C PRO B 149 21.28 -41.01 -9.08
N ASN B 150 20.64 -42.16 -9.28
CA ASN B 150 21.32 -43.37 -9.73
C ASN B 150 21.59 -43.13 -11.21
N SER B 151 22.54 -43.84 -11.78
CA SER B 151 22.79 -43.70 -13.21
C SER B 151 21.64 -44.47 -13.84
N GLN B 152 21.09 -43.95 -14.94
CA GLN B 152 19.97 -44.62 -15.62
C GLN B 152 20.27 -44.66 -17.11
N SER B 153 20.11 -45.83 -17.71
CA SER B 153 20.39 -46.00 -19.13
C SER B 153 19.77 -44.97 -20.06
N TRP B 154 18.46 -44.77 -19.99
CA TRP B 154 17.85 -43.81 -20.90
C TRP B 154 18.33 -42.39 -20.68
N GLN B 155 18.54 -42.00 -19.43
CA GLN B 155 19.02 -40.66 -19.16
C GLN B 155 20.43 -40.50 -19.74
N SER B 156 21.23 -41.56 -19.65
CA SER B 156 22.59 -41.51 -20.19
C SER B 156 22.55 -41.38 -21.71
N VAL B 157 21.60 -42.05 -22.34
CA VAL B 157 21.44 -41.97 -23.78
C VAL B 157 21.08 -40.53 -24.14
N THR B 158 20.18 -39.95 -23.36
CA THR B 158 19.73 -38.58 -23.58
C THR B 158 20.90 -37.61 -23.42
N LYS B 159 21.74 -37.84 -22.42
CA LYS B 159 22.90 -36.99 -22.20
C LYS B 159 23.82 -37.03 -23.43
N THR B 160 24.01 -38.21 -24.00
CA THR B 160 24.87 -38.31 -25.18
C THR B 160 24.22 -37.57 -26.35
N ALA B 161 22.90 -37.65 -26.46
CA ALA B 161 22.20 -36.96 -27.55
C ALA B 161 22.37 -35.45 -27.43
N PHE B 162 22.17 -34.92 -26.22
CA PHE B 162 22.33 -33.50 -25.97
C PHE B 162 23.74 -33.01 -26.33
N LEU B 163 24.75 -33.76 -25.89
CA LEU B 163 26.13 -33.37 -26.17
C LEU B 163 26.46 -33.46 -27.65
N GLU B 164 25.89 -34.45 -28.33
CA GLU B 164 26.13 -34.59 -29.76
C GLU B 164 25.44 -33.45 -30.50
N ALA B 165 24.34 -32.97 -29.93
CA ALA B 165 23.58 -31.89 -30.55
C ALA B 165 24.00 -30.47 -30.17
N GLY B 166 25.19 -30.34 -29.59
CA GLY B 166 25.70 -29.02 -29.24
C GLY B 166 25.18 -28.31 -28.01
N VAL B 167 24.50 -29.02 -27.11
CA VAL B 167 24.01 -28.36 -25.89
C VAL B 167 25.20 -28.43 -24.94
N HIS B 168 26.07 -27.43 -25.09
CA HIS B 168 27.32 -27.35 -24.33
C HIS B 168 27.38 -26.15 -23.37
N PRO B 169 28.26 -26.21 -22.38
CA PRO B 169 29.18 -27.32 -22.11
C PRO B 169 28.56 -28.41 -21.25
N ASN B 170 29.37 -29.39 -20.86
CA ASN B 170 28.93 -30.47 -20.00
C ASN B 170 29.30 -30.03 -18.59
N HIS B 171 28.35 -30.15 -17.66
CA HIS B 171 28.58 -29.74 -16.27
C HIS B 171 28.71 -30.94 -15.34
N GLY B 172 28.64 -32.15 -15.89
CA GLY B 172 28.71 -33.34 -15.05
C GLY B 172 27.50 -33.31 -14.15
N PHE B 173 27.70 -33.54 -12.85
CA PHE B 173 26.60 -33.49 -11.89
C PHE B 173 26.60 -32.11 -11.24
N SER B 174 25.50 -31.39 -11.39
CA SER B 174 25.39 -30.05 -10.83
C SER B 174 23.94 -29.68 -10.62
N LEU B 175 23.66 -28.94 -9.54
CA LEU B 175 22.30 -28.53 -9.24
C LEU B 175 21.96 -27.20 -9.88
N ASP B 176 22.97 -26.48 -10.34
CA ASP B 176 22.78 -25.17 -10.92
C ASP B 176 22.23 -25.09 -12.34
N HIS B 177 21.29 -24.15 -12.52
CA HIS B 177 20.68 -23.90 -13.82
C HIS B 177 21.68 -23.12 -14.66
N GLU B 178 22.38 -23.83 -15.54
CA GLU B 178 23.36 -23.19 -16.41
C GLU B 178 23.23 -23.75 -17.81
N GLU B 179 23.54 -22.91 -18.79
CA GLU B 179 23.48 -23.33 -20.18
C GLU B 179 24.37 -24.55 -20.37
N GLY B 180 23.87 -25.54 -21.10
CA GLY B 180 24.63 -26.76 -21.34
C GLY B 180 23.91 -27.99 -20.85
N THR B 181 24.61 -29.11 -20.83
CA THR B 181 24.04 -30.38 -20.39
C THR B 181 24.58 -30.78 -19.03
N ARG B 182 23.70 -31.34 -18.20
CA ARG B 182 24.13 -31.78 -16.87
C ARG B 182 23.16 -32.79 -16.31
N ILE B 183 23.58 -33.42 -15.21
CA ILE B 183 22.74 -34.36 -14.49
C ILE B 183 22.48 -33.60 -13.21
N THR B 184 21.21 -33.35 -12.92
CA THR B 184 20.86 -32.59 -11.72
C THR B 184 20.31 -33.47 -10.61
N GLY B 185 19.89 -32.85 -9.51
CA GLY B 185 19.36 -33.62 -8.39
C GLY B 185 17.89 -33.97 -8.55
N SER B 186 17.40 -34.81 -7.65
CA SER B 186 16.00 -35.22 -7.68
C SER B 186 15.45 -35.36 -6.26
N THR B 187 14.15 -35.18 -6.10
CA THR B 187 13.55 -35.33 -4.78
C THR B 187 13.11 -36.78 -4.59
N PHE B 188 13.40 -37.61 -5.59
CA PHE B 188 13.14 -39.05 -5.51
C PHE B 188 14.51 -39.59 -5.11
N ASP B 189 14.59 -40.44 -4.09
CA ASP B 189 15.90 -40.96 -3.71
C ASP B 189 16.28 -42.19 -4.55
N ASN B 190 17.43 -42.76 -4.24
CA ASN B 190 17.95 -43.91 -4.99
C ASN B 190 17.14 -45.20 -4.93
N LYS B 191 16.14 -45.27 -4.06
CA LYS B 191 15.30 -46.45 -3.99
C LYS B 191 13.93 -46.16 -4.59
N GLY B 192 13.79 -44.96 -5.12
CA GLY B 192 12.53 -44.58 -5.74
C GLY B 192 11.53 -43.95 -4.79
N THR B 193 11.94 -43.73 -3.54
CA THR B 193 11.07 -43.12 -2.55
C THR B 193 10.97 -41.62 -2.81
N ARG B 194 9.75 -41.10 -2.83
CA ARG B 194 9.59 -39.67 -3.04
C ARG B 194 9.72 -38.91 -1.74
N HIS B 195 10.48 -37.83 -1.78
CA HIS B 195 10.64 -36.96 -0.63
C HIS B 195 10.06 -35.63 -1.10
N ALA B 196 9.48 -34.86 -0.19
CA ALA B 196 8.84 -33.61 -0.59
C ALA B 196 8.80 -32.56 0.51
N ALA B 197 8.13 -31.45 0.20
CA ALA B 197 8.00 -30.33 1.12
C ALA B 197 7.45 -30.67 2.51
N ASP B 198 6.55 -31.64 2.58
CA ASP B 198 5.97 -32.02 3.86
C ASP B 198 7.05 -32.47 4.85
N GLU B 199 8.13 -33.06 4.36
CA GLU B 199 9.20 -33.50 5.25
C GLU B 199 9.96 -32.32 5.86
N LEU B 200 9.89 -31.16 5.22
CA LEU B 200 10.59 -30.00 5.76
C LEU B 200 9.90 -29.55 7.06
N LEU B 201 8.69 -30.06 7.29
CA LEU B 201 7.95 -29.74 8.51
C LEU B 201 8.70 -30.33 9.71
N ASN B 202 9.46 -31.39 9.45
CA ASN B 202 10.23 -32.06 10.49
C ASN B 202 11.37 -31.19 11.00
N LYS B 203 11.73 -30.17 10.22
CA LYS B 203 12.79 -29.26 10.59
C LYS B 203 12.28 -28.20 11.56
N GLY B 204 10.97 -28.13 11.71
CA GLY B 204 10.40 -27.15 12.62
C GLY B 204 10.39 -27.66 14.05
N ASN B 205 9.82 -26.88 14.96
CA ASN B 205 9.75 -27.26 16.36
C ASN B 205 8.41 -27.96 16.59
N SER B 206 8.46 -29.25 16.90
CA SER B 206 7.26 -30.05 17.11
C SER B 206 6.35 -29.54 18.22
N ASN B 207 6.86 -28.66 19.07
CA ASN B 207 6.06 -28.12 20.17
C ASN B 207 5.39 -26.80 19.80
N ASN B 208 5.81 -26.22 18.67
CA ASN B 208 5.25 -24.95 18.24
C ASN B 208 4.47 -25.04 16.93
N LEU B 209 4.68 -26.11 16.18
CA LEU B 209 4.03 -26.28 14.90
C LEU B 209 2.83 -27.24 14.89
N ARG B 210 1.74 -26.77 14.31
CA ARG B 210 0.52 -27.57 14.20
C ARG B 210 0.09 -27.55 12.75
N VAL B 211 -0.30 -28.71 12.23
CA VAL B 211 -0.74 -28.81 10.85
C VAL B 211 -2.15 -29.34 10.77
N GLY B 212 -2.99 -28.62 10.02
CA GLY B 212 -4.36 -29.04 9.85
C GLY B 212 -4.61 -29.44 8.42
N VAL B 213 -5.06 -30.67 8.21
CA VAL B 213 -5.36 -31.14 6.86
C VAL B 213 -6.87 -31.12 6.68
N HIS B 214 -7.32 -31.25 5.43
CA HIS B 214 -8.75 -31.22 5.15
C HIS B 214 -9.33 -29.91 5.69
N ALA B 215 -8.52 -28.87 5.60
CA ALA B 215 -8.89 -27.54 6.07
C ALA B 215 -9.00 -26.60 4.88
N SER B 216 -10.23 -26.27 4.50
CA SER B 216 -10.45 -25.38 3.36
C SER B 216 -10.57 -23.93 3.82
N VAL B 217 -9.50 -23.17 3.61
CA VAL B 217 -9.49 -21.77 4.00
C VAL B 217 -10.34 -21.01 2.98
N GLU B 218 -11.44 -20.42 3.44
CA GLU B 218 -12.36 -19.71 2.57
C GLU B 218 -12.20 -18.20 2.56
N LYS B 219 -11.67 -17.63 3.63
CA LYS B 219 -11.54 -16.19 3.69
C LYS B 219 -10.54 -15.66 4.71
N ILE B 220 -9.89 -14.56 4.36
CA ILE B 220 -8.95 -13.91 5.24
C ILE B 220 -9.76 -12.82 5.93
N ILE B 221 -9.62 -12.71 7.25
CA ILE B 221 -10.35 -11.71 8.03
C ILE B 221 -9.51 -10.45 8.24
N PHE B 222 -10.13 -9.29 8.10
CA PHE B 222 -9.41 -8.03 8.28
C PHE B 222 -10.04 -7.10 9.32
N SER B 223 -9.24 -6.14 9.77
CA SER B 223 -9.69 -5.15 10.74
C SER B 223 -10.41 -4.07 9.93
N ASN B 224 -11.06 -3.13 10.62
CA ASN B 224 -11.75 -2.04 9.94
C ASN B 224 -10.77 -1.05 9.34
N ALA B 225 -11.23 -0.30 8.36
CA ALA B 225 -10.40 0.71 7.74
C ALA B 225 -10.43 1.91 8.70
N PRO B 226 -9.37 2.72 8.73
CA PRO B 226 -8.14 2.65 7.93
C PRO B 226 -7.11 1.75 8.61
N GLY B 227 -5.92 1.66 8.04
CA GLY B 227 -4.88 0.83 8.62
C GLY B 227 -5.34 -0.61 8.66
N LEU B 228 -5.66 -1.14 7.48
CA LEU B 228 -6.13 -2.51 7.33
C LEU B 228 -5.08 -3.50 7.82
N THR B 229 -5.53 -4.53 8.54
CA THR B 229 -4.65 -5.54 9.06
C THR B 229 -5.34 -6.90 9.05
N ALA B 230 -4.64 -7.92 8.56
CA ALA B 230 -5.21 -9.26 8.53
C ALA B 230 -5.21 -9.72 9.99
N THR B 231 -6.34 -10.26 10.46
CA THR B 231 -6.43 -10.71 11.83
C THR B 231 -6.57 -12.22 11.98
N GLY B 232 -6.77 -12.90 10.87
CA GLY B 232 -6.91 -14.34 10.91
C GLY B 232 -7.57 -14.87 9.65
N VAL B 233 -8.05 -16.11 9.70
CA VAL B 233 -8.71 -16.71 8.54
C VAL B 233 -9.86 -17.61 8.97
N ILE B 234 -10.75 -17.90 8.04
CA ILE B 234 -11.87 -18.78 8.29
C ILE B 234 -11.65 -20.02 7.43
N TYR B 235 -11.67 -21.19 8.04
CA TYR B 235 -11.50 -22.43 7.29
C TYR B 235 -12.62 -23.39 7.64
N ARG B 236 -12.96 -24.29 6.72
CA ARG B 236 -14.06 -25.23 6.93
C ARG B 236 -13.57 -26.67 6.92
N ASP B 237 -14.12 -27.50 7.80
CA ASP B 237 -13.74 -28.90 7.85
C ASP B 237 -14.64 -29.78 7.00
N SER B 238 -14.35 -31.08 6.99
CA SER B 238 -15.11 -32.03 6.19
C SER B 238 -16.58 -32.14 6.59
N ASN B 239 -16.91 -31.69 7.79
CA ASN B 239 -18.30 -31.73 8.26
C ASN B 239 -19.00 -30.41 7.92
N GLY B 240 -18.33 -29.58 7.14
CA GLY B 240 -18.90 -28.30 6.75
C GLY B 240 -18.90 -27.26 7.85
N THR B 241 -18.25 -27.56 8.97
CA THR B 241 -18.20 -26.64 10.10
C THR B 241 -17.06 -25.64 9.93
N PRO B 242 -17.37 -24.34 10.06
CA PRO B 242 -16.34 -23.30 9.92
C PRO B 242 -15.57 -23.09 11.22
N HIS B 243 -14.28 -22.80 11.08
CA HIS B 243 -13.41 -22.56 12.23
C HIS B 243 -12.73 -21.21 12.01
N GLN B 244 -12.16 -20.67 13.09
CA GLN B 244 -11.47 -19.40 13.01
C GLN B 244 -10.11 -19.50 13.67
N ALA B 245 -9.09 -19.00 12.97
CA ALA B 245 -7.72 -19.01 13.49
C ALA B 245 -7.24 -17.56 13.42
N PHE B 246 -6.89 -17.00 14.57
CA PHE B 246 -6.44 -15.62 14.61
C PHE B 246 -4.95 -15.51 14.87
N VAL B 247 -4.37 -14.39 14.46
CA VAL B 247 -2.95 -14.14 14.68
C VAL B 247 -2.80 -13.15 15.82
N ARG B 248 -1.68 -13.24 16.53
CA ARG B 248 -1.42 -12.36 17.66
C ARG B 248 -0.66 -11.10 17.32
N SER B 249 -0.44 -10.28 18.34
CA SER B 249 0.30 -9.03 18.15
C SER B 249 1.60 -9.34 17.40
N LYS B 250 1.86 -8.56 16.35
CA LYS B 250 3.06 -8.73 15.54
C LYS B 250 3.03 -9.99 14.66
N GLY B 251 1.99 -10.80 14.84
CA GLY B 251 1.87 -12.01 14.04
C GLY B 251 1.32 -11.70 12.67
N GLU B 252 1.34 -12.68 11.77
CA GLU B 252 0.85 -12.44 10.42
C GLU B 252 0.23 -13.66 9.77
N VAL B 253 -0.61 -13.40 8.77
CA VAL B 253 -1.24 -14.44 7.99
C VAL B 253 -0.41 -14.46 6.71
N ILE B 254 0.06 -15.64 6.31
CA ILE B 254 0.84 -15.75 5.09
C ILE B 254 0.12 -16.72 4.17
N VAL B 255 -0.15 -16.27 2.96
CA VAL B 255 -0.85 -17.09 1.99
C VAL B 255 0.16 -17.78 1.08
N SER B 256 0.14 -19.11 1.10
CA SER B 256 1.04 -19.91 0.29
C SER B 256 0.18 -20.95 -0.42
N ALA B 257 -0.99 -20.51 -0.89
CA ALA B 257 -1.96 -21.37 -1.55
C ALA B 257 -1.65 -21.65 -3.02
N GLY B 258 -0.50 -21.20 -3.50
CA GLY B 258 -0.13 -21.44 -4.89
C GLY B 258 -0.58 -20.42 -5.91
N THR B 259 -0.04 -20.56 -7.12
CA THR B 259 -0.35 -19.67 -8.24
C THR B 259 -1.87 -19.52 -8.44
N ILE B 260 -2.58 -20.63 -8.28
CA ILE B 260 -4.04 -20.64 -8.45
C ILE B 260 -4.78 -20.30 -7.16
N GLY B 261 -4.39 -20.94 -6.07
CA GLY B 261 -5.07 -20.71 -4.80
C GLY B 261 -4.92 -19.36 -4.12
N THR B 262 -3.75 -18.76 -4.20
CA THR B 262 -3.53 -17.47 -3.56
C THR B 262 -4.37 -16.32 -4.15
N PRO B 263 -4.32 -16.12 -5.48
CA PRO B 263 -5.12 -15.03 -6.03
C PRO B 263 -6.61 -15.26 -5.74
N GLN B 264 -7.04 -16.52 -5.84
CA GLN B 264 -8.43 -16.87 -5.58
C GLN B 264 -8.86 -16.45 -4.18
N LEU B 265 -8.07 -16.81 -3.17
CA LEU B 265 -8.40 -16.47 -1.79
C LEU B 265 -8.40 -14.96 -1.57
N LEU B 266 -7.43 -14.26 -2.16
CA LEU B 266 -7.38 -12.81 -2.01
C LEU B 266 -8.64 -12.18 -2.58
N LEU B 267 -9.04 -12.61 -3.77
CA LEU B 267 -10.24 -12.08 -4.41
C LEU B 267 -11.48 -12.36 -3.54
N LEU B 268 -11.61 -13.59 -3.06
CA LEU B 268 -12.74 -13.96 -2.23
C LEU B 268 -12.77 -13.18 -0.92
N SER B 269 -11.60 -12.68 -0.52
CA SER B 269 -11.46 -11.92 0.71
C SER B 269 -11.61 -10.41 0.53
N GLY B 270 -11.93 -9.98 -0.68
CA GLY B 270 -12.11 -8.56 -0.93
C GLY B 270 -10.85 -7.79 -1.30
N VAL B 271 -9.79 -8.51 -1.65
CA VAL B 271 -8.56 -7.85 -2.04
C VAL B 271 -8.35 -8.09 -3.54
N GLY B 272 -8.72 -7.09 -4.35
CA GLY B 272 -8.60 -7.21 -5.78
C GLY B 272 -9.18 -6.01 -6.48
N PRO B 273 -9.32 -6.05 -7.82
CA PRO B 273 -9.89 -4.92 -8.59
C PRO B 273 -11.26 -4.53 -8.07
N GLU B 274 -11.40 -3.26 -7.69
CA GLU B 274 -12.65 -2.77 -7.15
C GLU B 274 -13.87 -3.08 -8.02
N SER B 275 -13.82 -2.69 -9.29
CA SER B 275 -14.96 -2.95 -10.17
C SER B 275 -15.27 -4.43 -10.33
N TYR B 276 -14.23 -5.26 -10.40
CA TYR B 276 -14.44 -6.70 -10.54
C TYR B 276 -15.13 -7.24 -9.30
N LEU B 277 -14.58 -6.93 -8.13
CA LEU B 277 -15.16 -7.40 -6.88
C LEU B 277 -16.61 -6.95 -6.71
N SER B 278 -16.87 -5.67 -6.93
CA SER B 278 -18.24 -5.20 -6.76
C SER B 278 -19.19 -5.78 -7.81
N SER B 279 -18.67 -6.13 -8.99
CA SER B 279 -19.55 -6.70 -10.02
C SER B 279 -20.11 -8.02 -9.48
N LEU B 280 -19.37 -8.64 -8.56
CA LEU B 280 -19.79 -9.90 -7.96
C LEU B 280 -20.34 -9.75 -6.55
N ASN B 281 -20.48 -8.51 -6.10
CA ASN B 281 -21.00 -8.23 -4.77
C ASN B 281 -20.06 -8.70 -3.67
N ILE B 282 -18.77 -8.74 -3.95
CA ILE B 282 -17.80 -9.13 -2.94
C ILE B 282 -17.33 -7.83 -2.28
N PRO B 283 -17.54 -7.69 -0.97
CA PRO B 283 -17.12 -6.47 -0.28
C PRO B 283 -15.65 -6.17 -0.56
N VAL B 284 -15.36 -4.93 -0.91
CA VAL B 284 -13.97 -4.54 -1.21
C VAL B 284 -13.26 -4.09 0.07
N VAL B 285 -12.15 -4.77 0.37
CA VAL B 285 -11.35 -4.42 1.55
C VAL B 285 -10.33 -3.39 1.09
N LEU B 286 -9.71 -3.66 -0.06
CA LEU B 286 -8.74 -2.74 -0.63
C LEU B 286 -8.63 -3.00 -2.13
N SER B 287 -8.86 -1.96 -2.94
CA SER B 287 -8.76 -2.10 -4.37
C SER B 287 -7.31 -2.43 -4.72
N HIS B 288 -7.09 -3.61 -5.28
CA HIS B 288 -5.77 -4.10 -5.66
C HIS B 288 -5.89 -4.60 -7.10
N PRO B 289 -5.62 -3.71 -8.07
CA PRO B 289 -5.69 -3.96 -9.51
C PRO B 289 -5.04 -5.21 -10.08
N TYR B 290 -3.90 -5.62 -9.54
CA TYR B 290 -3.20 -6.75 -10.10
C TYR B 290 -3.35 -8.13 -9.47
N VAL B 291 -4.27 -8.28 -8.52
CA VAL B 291 -4.49 -9.58 -7.91
C VAL B 291 -5.12 -10.48 -8.99
N GLY B 292 -4.44 -11.56 -9.34
CA GLY B 292 -4.94 -12.46 -10.35
C GLY B 292 -4.45 -12.12 -11.75
N GLN B 293 -3.66 -11.06 -11.87
CA GLN B 293 -3.12 -10.66 -13.16
C GLN B 293 -1.70 -11.19 -13.34
N PHE B 294 -1.23 -11.19 -14.58
CA PHE B 294 0.10 -11.66 -14.90
C PHE B 294 0.31 -13.12 -14.50
N LEU B 295 -0.56 -13.97 -15.02
CA LEU B 295 -0.50 -15.40 -14.76
C LEU B 295 0.25 -16.00 -15.95
N HIS B 296 1.37 -16.68 -15.69
CA HIS B 296 2.18 -17.26 -16.77
C HIS B 296 2.28 -18.78 -16.70
N ASP B 297 2.33 -19.41 -17.87
CA ASP B 297 2.51 -20.86 -17.93
C ASP B 297 3.44 -21.18 -19.10
N ASN B 298 4.65 -21.62 -18.79
CA ASN B 298 5.62 -21.95 -19.82
C ASN B 298 5.08 -23.09 -20.66
N PRO B 299 5.04 -22.90 -21.99
CA PRO B 299 4.52 -23.96 -22.85
C PRO B 299 5.47 -25.14 -22.98
N ARG B 300 4.90 -26.32 -23.13
CA ARG B 300 5.67 -27.54 -23.31
C ARG B 300 5.34 -28.10 -24.69
N ASN B 301 6.37 -28.31 -25.49
CA ASN B 301 6.17 -28.93 -26.79
C ASN B 301 7.06 -30.16 -26.75
N PHE B 302 6.70 -31.18 -27.51
CA PHE B 302 7.43 -32.44 -27.39
C PHE B 302 7.31 -33.36 -28.58
N ILE B 303 8.05 -34.46 -28.49
CA ILE B 303 8.02 -35.51 -29.50
C ILE B 303 8.08 -36.84 -28.74
N ASN B 304 7.15 -37.72 -29.04
CA ASN B 304 7.09 -39.05 -28.41
C ASN B 304 7.59 -40.08 -29.41
N ILE B 305 8.56 -40.90 -29.00
CA ILE B 305 9.06 -41.93 -29.88
C ILE B 305 8.81 -43.29 -29.23
N LEU B 306 8.48 -44.28 -30.06
CA LEU B 306 8.23 -45.63 -29.59
C LEU B 306 9.33 -46.53 -30.13
N PRO B 307 10.38 -46.78 -29.34
CA PRO B 307 11.51 -47.62 -29.75
C PRO B 307 11.07 -49.04 -30.11
N PRO B 308 11.77 -49.67 -31.06
CA PRO B 308 11.45 -51.04 -31.51
C PRO B 308 11.78 -52.06 -30.43
N ASN B 309 12.67 -51.67 -29.52
CA ASN B 309 13.06 -52.52 -28.41
C ASN B 309 12.69 -51.75 -27.15
N PRO B 310 12.12 -52.43 -26.15
CA PRO B 310 11.71 -51.77 -24.91
C PRO B 310 12.82 -51.04 -24.16
N ILE B 311 12.49 -49.86 -23.64
CA ILE B 311 13.43 -49.09 -22.85
C ILE B 311 12.84 -49.06 -21.45
N GLU B 312 13.67 -48.78 -20.45
CA GLU B 312 13.18 -48.76 -19.09
C GLU B 312 12.69 -47.40 -18.62
N PRO B 313 11.72 -47.38 -17.70
CA PRO B 313 11.19 -46.13 -17.18
C PRO B 313 12.30 -45.48 -16.38
N THR B 314 12.35 -44.15 -16.38
CA THR B 314 13.39 -43.45 -15.62
C THR B 314 12.84 -42.17 -15.03
N ILE B 315 13.58 -41.60 -14.08
CA ILE B 315 13.18 -40.33 -13.52
C ILE B 315 14.05 -39.34 -14.27
N VAL B 316 13.52 -38.16 -14.55
CA VAL B 316 14.27 -37.15 -15.29
C VAL B 316 15.42 -36.61 -14.45
N THR B 317 16.64 -36.70 -14.96
CA THR B 317 17.81 -36.19 -14.26
C THR B 317 18.73 -35.43 -15.21
N VAL B 318 18.69 -35.78 -16.49
CA VAL B 318 19.54 -35.12 -17.48
C VAL B 318 18.82 -33.93 -18.10
N LEU B 319 19.43 -32.76 -17.98
CA LEU B 319 18.83 -31.54 -18.52
C LEU B 319 19.69 -30.89 -19.59
N GLY B 320 19.06 -30.48 -20.69
CA GLY B 320 19.74 -29.81 -21.77
C GLY B 320 19.26 -28.38 -21.75
N ILE B 321 20.06 -27.49 -21.18
CA ILE B 321 19.69 -26.10 -21.02
C ILE B 321 20.22 -25.11 -22.06
N SER B 322 19.30 -24.39 -22.70
CA SER B 322 19.64 -23.36 -23.66
C SER B 322 19.11 -22.07 -23.04
N ASN B 323 19.56 -20.93 -23.54
CA ASN B 323 19.09 -19.67 -22.97
C ASN B 323 17.60 -19.44 -23.15
N ASP B 324 17.06 -19.91 -24.28
CA ASP B 324 15.65 -19.69 -24.57
C ASP B 324 14.69 -20.85 -24.34
N PHE B 325 15.23 -22.04 -24.09
CA PHE B 325 14.39 -23.21 -23.86
C PHE B 325 15.17 -24.27 -23.08
N TYR B 326 14.44 -25.05 -22.29
CA TYR B 326 15.04 -26.08 -21.44
C TYR B 326 14.46 -27.42 -21.86
N GLN B 327 15.32 -28.43 -21.99
CA GLN B 327 14.87 -29.73 -22.46
C GLN B 327 15.29 -30.93 -21.63
N CYS B 328 14.59 -32.04 -21.85
CA CYS B 328 14.86 -33.29 -21.14
C CYS B 328 14.11 -34.41 -21.84
N SER B 329 14.29 -35.64 -21.37
CA SER B 329 13.62 -36.78 -21.95
C SER B 329 13.12 -37.70 -20.84
N PHE B 330 11.82 -37.96 -20.87
CA PHE B 330 11.15 -38.81 -19.89
C PHE B 330 10.83 -40.15 -20.55
N SER B 331 11.32 -41.24 -19.97
CA SER B 331 11.02 -42.56 -20.54
C SER B 331 9.99 -43.19 -19.61
N SER B 332 9.04 -43.92 -20.18
CA SER B 332 7.98 -44.50 -19.37
C SER B 332 7.34 -45.75 -19.94
N LEU B 333 6.59 -46.45 -19.10
CA LEU B 333 5.86 -47.64 -19.51
C LEU B 333 4.63 -47.12 -20.24
N PRO B 334 3.96 -47.97 -21.04
CA PRO B 334 2.78 -47.50 -21.74
C PRO B 334 1.67 -47.02 -20.79
N PHE B 335 0.76 -46.21 -21.32
CA PHE B 335 -0.35 -45.67 -20.54
C PHE B 335 -1.62 -46.47 -20.80
N THR B 336 -2.16 -47.12 -19.78
CA THR B 336 -3.38 -47.91 -19.95
C THR B 336 -4.55 -46.93 -20.06
N THR B 337 -4.50 -45.90 -19.23
CA THR B 337 -5.51 -44.85 -19.23
C THR B 337 -4.74 -43.54 -19.30
N PRO B 338 -5.39 -42.45 -19.75
CA PRO B 338 -4.67 -41.19 -19.85
C PRO B 338 -4.31 -40.48 -18.54
N PRO B 339 -3.04 -40.08 -18.40
CA PRO B 339 -2.60 -39.37 -17.19
C PRO B 339 -3.00 -37.93 -17.49
N PHE B 340 -4.03 -37.43 -16.81
CA PHE B 340 -4.50 -36.08 -17.08
C PHE B 340 -3.41 -35.03 -17.01
N GLY B 341 -3.36 -34.17 -18.01
CA GLY B 341 -2.36 -33.12 -18.04
C GLY B 341 -1.06 -33.50 -18.73
N PHE B 342 -0.79 -34.79 -18.90
CA PHE B 342 0.44 -35.21 -19.56
C PHE B 342 0.34 -34.77 -21.02
N PHE B 343 -0.75 -35.14 -21.66
CA PHE B 343 -1.00 -34.73 -23.04
C PHE B 343 -2.05 -33.62 -22.86
N PRO B 344 -2.09 -32.64 -23.77
CA PRO B 344 -3.00 -31.50 -23.73
C PRO B 344 -4.52 -31.73 -23.78
N SER B 345 -4.93 -32.87 -24.31
CA SER B 345 -6.35 -33.20 -24.42
C SER B 345 -6.59 -34.66 -24.06
N SER B 346 -7.84 -34.99 -23.73
CA SER B 346 -8.19 -36.35 -23.36
C SER B 346 -8.31 -37.27 -24.57
N SER B 347 -8.35 -36.69 -25.76
CA SER B 347 -8.48 -37.47 -26.99
C SER B 347 -7.13 -37.91 -27.57
N TYR B 348 -6.05 -37.58 -26.87
CA TYR B 348 -4.72 -37.93 -27.33
C TYR B 348 -4.50 -39.45 -27.38
N PRO B 349 -3.85 -39.94 -28.45
CA PRO B 349 -3.60 -41.38 -28.55
C PRO B 349 -2.60 -41.84 -27.50
N LEU B 350 -2.89 -42.94 -26.82
CA LEU B 350 -2.01 -43.44 -25.77
C LEU B 350 -0.96 -44.42 -26.26
N PRO B 351 0.23 -44.40 -25.65
CA PRO B 351 1.31 -45.32 -26.04
C PRO B 351 1.03 -46.70 -25.46
N ASN B 352 1.06 -47.73 -26.30
CA ASN B 352 0.80 -49.09 -25.83
C ASN B 352 2.08 -49.88 -25.55
N SER B 353 3.22 -49.21 -25.70
CA SER B 353 4.52 -49.82 -25.43
C SER B 353 5.37 -48.77 -24.74
N THR B 354 6.58 -49.14 -24.31
CA THR B 354 7.44 -48.16 -23.64
C THR B 354 7.76 -47.05 -24.63
N PHE B 355 7.92 -45.83 -24.14
CA PHE B 355 8.21 -44.72 -25.02
C PHE B 355 9.05 -43.64 -24.35
N ALA B 356 9.59 -42.73 -25.16
CA ALA B 356 10.38 -41.62 -24.64
C ALA B 356 9.68 -40.33 -25.06
N HIS B 357 9.56 -39.43 -24.10
CA HIS B 357 8.90 -38.14 -24.28
C HIS B 357 9.97 -37.05 -24.23
N PHE B 358 10.36 -36.52 -25.40
CA PHE B 358 11.35 -35.45 -25.43
C PHE B 358 10.57 -34.15 -25.27
N ALA B 359 10.79 -33.47 -24.14
CA ALA B 359 10.08 -32.24 -23.84
C ALA B 359 10.94 -30.98 -23.92
N SER B 360 10.31 -29.89 -24.36
CA SER B 360 11.00 -28.61 -24.50
C SER B 360 10.14 -27.51 -23.85
N LYS B 361 10.74 -26.82 -22.88
CA LYS B 361 10.07 -25.73 -22.16
C LYS B 361 10.61 -24.37 -22.61
N VAL B 362 9.72 -23.50 -23.04
CA VAL B 362 10.14 -22.16 -23.46
C VAL B 362 10.41 -21.31 -22.22
N ALA B 363 11.52 -20.58 -22.23
CA ALA B 363 11.89 -19.73 -21.10
C ALA B 363 10.88 -18.62 -20.89
N GLY B 364 10.83 -18.10 -19.66
CA GLY B 364 9.90 -17.03 -19.35
C GLY B 364 8.64 -17.55 -18.67
N PRO B 365 7.50 -17.56 -19.37
CA PRO B 365 7.31 -17.10 -20.75
C PRO B 365 6.92 -15.63 -20.75
N LEU B 366 7.05 -14.97 -21.90
CA LEU B 366 6.68 -13.56 -22.00
C LEU B 366 5.17 -13.42 -22.04
N SER B 367 4.50 -14.42 -22.60
CA SER B 367 3.03 -14.42 -22.68
C SER B 367 2.43 -14.64 -21.31
N TYR B 368 1.27 -14.03 -21.07
CA TYR B 368 0.59 -14.20 -19.80
C TYR B 368 -0.91 -13.95 -19.93
N GLY B 369 -1.65 -14.39 -18.92
CA GLY B 369 -3.09 -14.22 -18.91
C GLY B 369 -3.53 -13.80 -17.52
N SER B 370 -4.73 -14.17 -17.13
CA SER B 370 -5.23 -13.80 -15.82
C SER B 370 -6.10 -14.88 -15.20
N LEU B 371 -6.39 -14.72 -13.92
CA LEU B 371 -7.21 -15.64 -13.17
C LEU B 371 -8.47 -14.92 -12.70
N THR B 372 -9.62 -15.56 -12.87
CA THR B 372 -10.90 -15.01 -12.45
C THR B 372 -11.70 -16.07 -11.71
N LEU B 373 -12.58 -15.65 -10.82
CA LEU B 373 -13.38 -16.59 -10.06
C LEU B 373 -14.48 -17.24 -10.88
N LYS B 374 -14.80 -18.50 -10.54
CA LYS B 374 -15.89 -19.22 -11.20
C LYS B 374 -17.03 -19.28 -10.20
N SER B 375 -16.72 -18.95 -8.95
CA SER B 375 -17.70 -18.90 -7.87
C SER B 375 -17.31 -17.70 -7.02
N SER B 376 -18.29 -16.86 -6.69
CA SER B 376 -18.01 -15.69 -5.89
C SER B 376 -17.97 -16.00 -4.40
N SER B 377 -18.24 -17.26 -4.04
CA SER B 377 -18.27 -17.64 -2.64
C SER B 377 -17.61 -18.96 -2.27
N ASN B 378 -17.59 -19.90 -3.20
CA ASN B 378 -17.03 -21.22 -2.93
C ASN B 378 -15.57 -21.39 -3.37
N VAL B 379 -14.67 -21.47 -2.38
CA VAL B 379 -13.24 -21.61 -2.65
C VAL B 379 -12.89 -22.99 -3.21
N ARG B 380 -13.82 -23.93 -3.14
CA ARG B 380 -13.59 -25.28 -3.67
C ARG B 380 -13.87 -25.38 -5.16
N VAL B 381 -14.42 -24.31 -5.73
CA VAL B 381 -14.70 -24.27 -7.16
C VAL B 381 -13.47 -23.65 -7.82
N SER B 382 -12.83 -24.43 -8.69
CA SER B 382 -11.63 -23.98 -9.38
C SER B 382 -11.81 -22.67 -10.13
N PRO B 383 -10.83 -21.77 -10.03
CA PRO B 383 -10.91 -20.49 -10.72
C PRO B 383 -10.69 -20.72 -12.20
N ASN B 384 -11.04 -19.71 -12.99
CA ASN B 384 -10.88 -19.74 -14.43
C ASN B 384 -9.47 -19.18 -14.63
N VAL B 385 -8.70 -19.78 -15.53
CA VAL B 385 -7.36 -19.31 -15.80
C VAL B 385 -7.06 -19.37 -17.29
N LYS B 386 -6.44 -18.33 -17.82
CA LYS B 386 -6.05 -18.31 -19.22
C LYS B 386 -4.59 -17.89 -19.26
N PHE B 387 -3.79 -18.58 -20.06
CA PHE B 387 -2.36 -18.29 -20.14
C PHE B 387 -1.92 -17.60 -21.44
N ASN B 388 -2.77 -17.66 -22.46
CA ASN B 388 -2.49 -17.04 -23.75
C ASN B 388 -1.18 -17.51 -24.38
N TYR B 389 -1.01 -18.83 -24.44
CA TYR B 389 0.19 -19.41 -25.02
C TYR B 389 0.50 -18.78 -26.38
N TYR B 390 1.77 -18.41 -26.55
CA TYR B 390 2.28 -17.84 -27.79
C TYR B 390 1.66 -16.54 -28.27
N SER B 391 1.03 -15.81 -27.36
CA SER B 391 0.43 -14.52 -27.72
C SER B 391 1.62 -13.60 -27.99
N ASN B 392 2.72 -13.83 -27.28
CA ASN B 392 3.93 -13.06 -27.48
C ASN B 392 4.77 -13.87 -28.48
N LEU B 393 5.01 -13.28 -29.64
CA LEU B 393 5.75 -13.96 -30.70
C LEU B 393 7.17 -14.38 -30.37
N THR B 394 7.78 -13.76 -29.36
CA THR B 394 9.14 -14.14 -28.98
C THR B 394 9.08 -15.53 -28.35
N ASP B 395 7.99 -15.85 -27.65
CA ASP B 395 7.86 -17.18 -27.06
C ASP B 395 7.79 -18.20 -28.20
N LEU B 396 7.07 -17.83 -29.27
CA LEU B 396 6.91 -18.72 -30.42
C LEU B 396 8.26 -18.96 -31.10
N SER B 397 9.04 -17.91 -31.29
CA SER B 397 10.35 -18.03 -31.90
C SER B 397 11.19 -19.01 -31.07
N HIS B 398 11.10 -18.88 -29.76
CA HIS B 398 11.85 -19.77 -28.88
C HIS B 398 11.36 -21.21 -28.98
N CYS B 399 10.07 -21.41 -29.18
CA CYS B 399 9.55 -22.77 -29.32
C CYS B 399 10.11 -23.37 -30.60
N VAL B 400 10.16 -22.57 -31.65
CA VAL B 400 10.68 -23.04 -32.93
C VAL B 400 12.13 -23.47 -32.79
N SER B 401 12.95 -22.63 -32.16
CA SER B 401 14.35 -22.96 -31.98
C SER B 401 14.48 -24.22 -31.12
N GLY B 402 13.63 -24.29 -30.10
CA GLY B 402 13.64 -25.44 -29.22
C GLY B 402 13.31 -26.74 -29.92
N MET B 403 12.26 -26.73 -30.74
CA MET B 403 11.88 -27.95 -31.44
C MET B 403 12.87 -28.34 -32.53
N LYS B 404 13.58 -27.36 -33.08
CA LYS B 404 14.60 -27.65 -34.08
C LYS B 404 15.74 -28.39 -33.35
N LYS B 405 15.99 -27.99 -32.11
CA LYS B 405 17.05 -28.64 -31.33
C LYS B 405 16.62 -30.08 -31.05
N ILE B 406 15.33 -30.28 -30.77
CA ILE B 406 14.83 -31.63 -30.54
C ILE B 406 15.06 -32.40 -31.83
N GLY B 407 14.88 -31.73 -32.96
CA GLY B 407 15.09 -32.36 -34.26
C GLY B 407 16.53 -32.82 -34.36
N GLU B 408 17.44 -32.02 -33.84
CA GLU B 408 18.86 -32.38 -33.85
C GLU B 408 19.09 -33.64 -33.01
N LEU B 409 18.51 -33.70 -31.83
CA LEU B 409 18.66 -34.86 -30.96
C LEU B 409 18.18 -36.11 -31.71
N LEU B 410 17.03 -35.99 -32.37
CA LEU B 410 16.47 -37.12 -33.10
C LEU B 410 17.37 -37.57 -34.25
N SER B 411 18.23 -36.67 -34.72
CA SER B 411 19.14 -36.97 -35.83
C SER B 411 20.54 -37.41 -35.40
N THR B 412 20.77 -37.53 -34.10
CA THR B 412 22.08 -37.92 -33.58
C THR B 412 22.38 -39.41 -33.72
N ASP B 413 23.65 -39.76 -33.70
CA ASP B 413 24.06 -41.15 -33.79
C ASP B 413 23.48 -41.83 -32.55
N ALA B 414 23.44 -41.08 -31.46
CA ALA B 414 22.93 -41.57 -30.18
C ALA B 414 21.52 -42.14 -30.22
N LEU B 415 20.63 -41.53 -30.99
CA LEU B 415 19.25 -42.02 -31.04
C LEU B 415 18.95 -42.95 -32.21
N LYS B 416 19.90 -43.12 -33.12
CA LYS B 416 19.69 -44.00 -34.27
C LYS B 416 19.17 -45.39 -33.88
N PRO B 417 19.71 -45.98 -32.80
CA PRO B 417 19.28 -47.30 -32.35
C PRO B 417 17.81 -47.39 -31.96
N TYR B 418 17.17 -46.24 -31.78
CA TYR B 418 15.78 -46.22 -31.37
C TYR B 418 14.78 -45.92 -32.48
N LYS B 419 15.26 -45.97 -33.72
CA LYS B 419 14.40 -45.77 -34.87
C LYS B 419 13.89 -47.14 -35.28
N VAL B 420 12.74 -47.19 -35.92
CA VAL B 420 12.18 -48.46 -36.38
C VAL B 420 12.62 -48.75 -37.79
N GLU B 421 13.03 -47.70 -38.50
CA GLU B 421 13.50 -47.84 -39.87
C GLU B 421 14.72 -46.95 -40.07
N ASP B 422 15.72 -47.48 -40.78
CA ASP B 422 16.95 -46.73 -41.02
C ASP B 422 16.77 -45.61 -42.03
N LEU B 423 16.31 -44.47 -41.56
CA LEU B 423 16.11 -43.31 -42.41
C LEU B 423 16.89 -42.13 -41.86
N PRO B 424 17.10 -41.09 -42.68
CA PRO B 424 17.83 -39.86 -42.35
C PRO B 424 17.16 -38.87 -41.41
N GLY B 425 18.00 -38.06 -40.77
CA GLY B 425 17.53 -37.04 -39.86
C GLY B 425 16.45 -37.42 -38.87
N VAL B 426 15.37 -36.64 -38.88
CA VAL B 426 14.26 -36.86 -37.96
C VAL B 426 13.30 -37.97 -38.37
N GLU B 427 13.55 -38.59 -39.52
CA GLU B 427 12.68 -39.65 -40.00
C GLU B 427 13.17 -41.05 -39.61
N GLY B 428 12.24 -41.99 -39.53
CA GLY B 428 12.59 -43.35 -39.16
C GLY B 428 12.06 -43.78 -37.80
N PHE B 429 11.49 -42.85 -37.05
CA PHE B 429 10.96 -43.18 -35.74
C PHE B 429 9.47 -43.52 -35.80
N ASN B 430 9.02 -44.29 -34.83
CA ASN B 430 7.61 -44.62 -34.70
C ASN B 430 7.14 -43.51 -33.78
N ILE B 431 6.53 -42.49 -34.36
CA ILE B 431 6.07 -41.34 -33.58
C ILE B 431 4.64 -41.46 -33.07
N LEU B 432 4.44 -41.10 -31.81
CA LEU B 432 3.11 -41.11 -31.20
C LEU B 432 2.68 -39.65 -31.13
N GLY B 433 1.62 -39.31 -31.84
CA GLY B 433 1.16 -37.93 -31.82
C GLY B 433 1.66 -37.14 -33.00
N ILE B 434 1.72 -35.82 -32.85
CA ILE B 434 2.15 -34.93 -33.93
C ILE B 434 3.66 -34.94 -34.14
N PRO B 435 4.09 -35.31 -35.37
CA PRO B 435 5.53 -35.34 -35.68
C PRO B 435 6.08 -33.96 -36.04
N LEU B 436 7.40 -33.84 -36.01
CA LEU B 436 8.04 -32.57 -36.37
C LEU B 436 7.93 -32.41 -37.88
N PRO B 437 8.01 -31.16 -38.36
CA PRO B 437 7.93 -30.99 -39.81
C PRO B 437 9.19 -31.68 -40.36
N LYS B 438 9.10 -32.26 -41.55
CA LYS B 438 10.25 -32.95 -42.12
C LYS B 438 11.41 -31.99 -42.42
N ASP B 439 11.07 -30.84 -42.99
CA ASP B 439 12.06 -29.81 -43.33
C ASP B 439 12.46 -29.03 -42.09
N GLN B 440 13.67 -29.25 -41.61
CA GLN B 440 14.15 -28.57 -40.42
C GLN B 440 14.41 -27.07 -40.59
N THR B 441 14.23 -26.57 -41.80
CA THR B 441 14.43 -25.14 -42.07
C THR B 441 13.11 -24.42 -42.31
N ASP B 442 12.01 -25.17 -42.29
CA ASP B 442 10.67 -24.62 -42.53
C ASP B 442 10.09 -23.99 -41.27
N ASP B 443 10.45 -22.73 -41.01
CA ASP B 443 9.99 -22.03 -39.82
C ASP B 443 8.47 -21.94 -39.70
N ALA B 444 7.79 -21.63 -40.80
CA ALA B 444 6.33 -21.53 -40.75
C ALA B 444 5.71 -22.85 -40.30
N ALA B 445 6.26 -23.97 -40.75
CA ALA B 445 5.75 -25.27 -40.36
C ALA B 445 6.00 -25.52 -38.88
N PHE B 446 7.17 -25.09 -38.39
CA PHE B 446 7.48 -25.27 -36.97
C PHE B 446 6.58 -24.40 -36.10
N GLU B 447 6.21 -23.22 -36.58
CA GLU B 447 5.34 -22.35 -35.83
C GLU B 447 3.98 -23.02 -35.66
N THR B 448 3.49 -23.63 -36.74
CA THR B 448 2.22 -24.32 -36.69
C THR B 448 2.33 -25.50 -35.73
N PHE B 449 3.45 -26.21 -35.79
CA PHE B 449 3.66 -27.34 -34.89
C PHE B 449 3.57 -26.85 -33.45
N CYS B 450 4.30 -25.78 -33.15
CA CYS B 450 4.34 -25.19 -31.81
C CYS B 450 2.95 -24.85 -31.29
N ARG B 451 2.17 -24.14 -32.11
CA ARG B 451 0.83 -23.75 -31.71
C ARG B 451 -0.15 -24.90 -31.57
N GLU B 452 -0.14 -25.83 -32.53
CA GLU B 452 -1.09 -26.93 -32.52
C GLU B 452 -0.80 -28.13 -31.64
N SER B 453 0.42 -28.24 -31.14
CA SER B 453 0.78 -29.39 -30.32
C SER B 453 1.14 -29.03 -28.88
N VAL B 454 0.95 -27.76 -28.54
CA VAL B 454 1.29 -27.28 -27.20
C VAL B 454 0.58 -27.92 -26.03
N ALA B 455 1.30 -28.02 -24.92
CA ALA B 455 0.78 -28.56 -23.66
C ALA B 455 1.39 -27.71 -22.56
N SER B 456 1.03 -27.97 -21.32
CA SER B 456 1.59 -27.19 -20.21
C SER B 456 2.81 -27.90 -19.64
N TYR B 457 3.81 -27.14 -19.21
CA TYR B 457 4.97 -27.78 -18.61
C TYR B 457 4.69 -27.90 -17.11
N TRP B 458 3.50 -27.44 -16.71
CA TRP B 458 3.03 -27.50 -15.32
C TRP B 458 3.77 -26.56 -14.38
N HIS B 459 4.58 -25.67 -14.94
CA HIS B 459 5.35 -24.74 -14.13
C HIS B 459 4.75 -23.35 -14.08
N TYR B 460 3.42 -23.28 -14.21
CA TYR B 460 2.71 -22.01 -14.17
C TYR B 460 3.06 -21.27 -12.89
N HIS B 461 3.03 -19.95 -12.97
CA HIS B 461 3.38 -19.11 -11.84
C HIS B 461 2.82 -17.71 -12.05
N GLY B 462 3.00 -16.85 -11.06
CA GLY B 462 2.50 -15.49 -11.16
C GLY B 462 1.12 -15.35 -10.57
N GLY B 463 0.50 -14.19 -10.78
CA GLY B 463 -0.84 -13.97 -10.26
C GLY B 463 -0.88 -13.04 -9.06
N CYS B 464 0.26 -12.85 -8.41
CA CYS B 464 0.36 -11.99 -7.24
C CYS B 464 1.81 -11.55 -7.16
N LEU B 465 2.24 -10.84 -8.20
CA LEU B 465 3.63 -10.41 -8.33
C LEU B 465 4.21 -9.35 -7.40
N VAL B 466 5.48 -9.52 -7.11
CA VAL B 466 6.21 -8.54 -6.31
C VAL B 466 6.26 -7.35 -7.25
N GLY B 467 5.93 -6.17 -6.74
CA GLY B 467 5.95 -4.98 -7.57
C GLY B 467 4.59 -4.66 -8.19
N LYS B 468 3.66 -5.59 -8.08
CA LYS B 468 2.31 -5.40 -8.60
C LYS B 468 1.29 -5.51 -7.47
N VAL B 469 1.48 -6.51 -6.61
CA VAL B 469 0.59 -6.70 -5.47
C VAL B 469 1.39 -6.73 -4.17
N LEU B 470 2.60 -7.27 -4.24
CA LEU B 470 3.47 -7.40 -3.06
C LEU B 470 4.65 -6.44 -3.10
N ASP B 471 5.24 -6.18 -1.93
CA ASP B 471 6.42 -5.32 -1.87
C ASP B 471 7.66 -6.22 -1.83
N GLY B 472 8.83 -5.62 -1.65
CA GLY B 472 10.07 -6.38 -1.62
C GLY B 472 10.23 -7.37 -0.49
N ASP B 473 9.32 -7.33 0.49
CA ASP B 473 9.37 -8.23 1.63
C ASP B 473 8.19 -9.19 1.58
N PHE B 474 7.58 -9.27 0.39
CA PHE B 474 6.43 -10.14 0.12
C PHE B 474 5.15 -9.76 0.84
N ARG B 475 5.08 -8.53 1.34
CA ARG B 475 3.89 -8.04 2.01
C ARG B 475 2.88 -7.56 0.98
N VAL B 476 1.60 -7.82 1.22
CA VAL B 476 0.55 -7.35 0.33
C VAL B 476 0.48 -5.86 0.66
N THR B 477 0.76 -5.01 -0.31
CA THR B 477 0.76 -3.57 -0.06
C THR B 477 -0.58 -3.05 0.46
N GLY B 478 -0.51 -2.05 1.34
CA GLY B 478 -1.72 -1.47 1.91
C GLY B 478 -2.37 -2.24 3.03
N ILE B 479 -1.84 -3.43 3.33
CA ILE B 479 -2.41 -4.25 4.39
C ILE B 479 -1.32 -4.78 5.30
N ASN B 480 -1.56 -4.71 6.60
CA ASN B 480 -0.59 -5.19 7.58
C ASN B 480 -0.85 -6.64 7.95
N ALA B 481 0.20 -7.30 8.44
CA ALA B 481 0.13 -8.69 8.88
C ALA B 481 -0.34 -9.66 7.79
N LEU B 482 -0.03 -9.34 6.53
CA LEU B 482 -0.42 -10.21 5.43
C LEU B 482 0.67 -10.32 4.36
N ARG B 483 1.12 -11.55 4.10
CA ARG B 483 2.13 -11.76 3.08
C ARG B 483 1.73 -12.92 2.18
N VAL B 484 2.45 -13.06 1.08
CA VAL B 484 2.23 -14.13 0.12
C VAL B 484 3.59 -14.73 -0.20
N VAL B 485 3.71 -16.05 -0.03
CA VAL B 485 4.96 -16.74 -0.32
C VAL B 485 4.69 -18.08 -0.98
N ASP B 486 4.89 -18.11 -2.29
CA ASP B 486 4.69 -19.31 -3.11
C ASP B 486 5.04 -18.95 -4.55
N GLY B 487 4.61 -19.78 -5.50
CA GLY B 487 4.93 -19.53 -6.89
C GLY B 487 4.20 -18.40 -7.59
N SER B 488 3.33 -17.69 -6.88
CA SER B 488 2.57 -16.61 -7.49
C SER B 488 3.28 -15.26 -7.53
N THR B 489 4.45 -15.17 -6.91
CA THR B 489 5.13 -13.87 -6.81
C THR B 489 6.07 -13.32 -7.89
N PHE B 490 6.44 -14.12 -8.88
CA PHE B 490 7.31 -13.63 -9.94
C PHE B 490 6.77 -13.96 -11.32
N PRO B 491 7.03 -13.10 -12.32
CA PRO B 491 6.55 -13.30 -13.69
C PRO B 491 7.21 -14.41 -14.50
N TYR B 492 8.49 -14.66 -14.26
CA TYR B 492 9.18 -15.68 -15.02
C TYR B 492 9.66 -16.85 -14.17
N THR B 493 9.82 -17.99 -14.82
CA THR B 493 10.26 -19.19 -14.13
C THR B 493 11.73 -19.03 -13.73
N PRO B 494 12.08 -19.41 -12.49
CA PRO B 494 13.45 -19.29 -11.98
C PRO B 494 14.49 -20.25 -12.55
N ALA B 495 14.03 -21.32 -13.18
CA ALA B 495 14.94 -22.31 -13.76
C ALA B 495 14.10 -23.26 -14.62
N SER B 496 14.75 -24.29 -15.14
CA SER B 496 14.03 -25.26 -15.97
C SER B 496 12.96 -25.96 -15.12
N HIS B 497 13.26 -26.09 -13.84
CA HIS B 497 12.36 -26.73 -12.87
C HIS B 497 12.40 -25.83 -11.64
N PRO B 498 11.25 -25.22 -11.30
CA PRO B 498 11.07 -24.30 -10.18
C PRO B 498 10.90 -24.73 -8.74
N GLN B 499 10.68 -26.02 -8.48
CA GLN B 499 10.46 -26.41 -7.10
C GLN B 499 11.61 -26.04 -6.16
N GLY B 500 12.84 -26.17 -6.64
CA GLY B 500 13.98 -25.81 -5.81
C GLY B 500 13.88 -24.39 -5.30
N PHE B 501 13.56 -23.46 -6.20
CA PHE B 501 13.44 -22.06 -5.80
C PHE B 501 12.25 -21.82 -4.86
N TYR B 502 11.10 -22.43 -5.15
CA TYR B 502 9.93 -22.23 -4.30
C TYR B 502 10.14 -22.84 -2.92
N LEU B 503 10.86 -23.95 -2.84
CA LEU B 503 11.14 -24.60 -1.56
C LEU B 503 12.02 -23.65 -0.75
N MET B 504 13.07 -23.16 -1.38
CA MET B 504 14.01 -22.23 -0.75
C MET B 504 13.28 -20.97 -0.31
N LEU B 505 12.42 -20.45 -1.18
CA LEU B 505 11.66 -19.24 -0.88
C LEU B 505 10.90 -19.30 0.45
N GLY B 506 10.26 -20.43 0.70
CA GLY B 506 9.49 -20.60 1.93
C GLY B 506 10.32 -20.31 3.16
N ARG B 507 11.46 -20.98 3.29
CA ARG B 507 12.31 -20.75 4.45
C ARG B 507 12.97 -19.38 4.40
N TYR B 508 13.39 -18.96 3.21
CA TYR B 508 14.02 -17.66 3.07
C TYR B 508 13.19 -16.55 3.72
N VAL B 509 11.95 -16.42 3.31
CA VAL B 509 11.07 -15.39 3.87
C VAL B 509 10.85 -15.64 5.36
N GLY B 510 10.81 -16.91 5.75
CA GLY B 510 10.61 -17.24 7.15
C GLY B 510 11.75 -16.65 7.98
N ILE B 511 12.96 -16.75 7.46
CA ILE B 511 14.13 -16.21 8.16
C ILE B 511 14.06 -14.69 8.20
N LYS B 512 13.64 -14.08 7.10
CA LYS B 512 13.53 -12.62 7.04
C LYS B 512 12.54 -12.12 8.09
N ILE B 513 11.47 -12.89 8.30
CA ILE B 513 10.47 -12.53 9.28
C ILE B 513 11.04 -12.66 10.69
N LEU B 514 11.76 -13.76 10.95
CA LEU B 514 12.34 -13.95 12.27
C LEU B 514 13.36 -12.85 12.57
N GLN B 515 14.13 -12.46 11.56
CA GLN B 515 15.12 -11.40 11.75
C GLN B 515 14.39 -10.10 12.07
N GLU B 516 13.26 -9.90 11.39
CA GLU B 516 12.47 -8.69 11.61
C GLU B 516 11.94 -8.69 13.05
N ARG B 517 11.43 -9.84 13.51
CA ARG B 517 10.90 -9.95 14.85
C ARG B 517 11.99 -9.76 15.91
N SER B 518 13.19 -10.23 15.60
CA SER B 518 14.31 -10.10 16.53
C SER B 518 14.68 -8.62 16.69
N ALA B 519 14.69 -7.89 15.58
CA ALA B 519 15.04 -6.48 15.61
C ALA B 519 13.92 -5.65 16.24
N SER B 520 12.73 -6.23 16.33
CA SER B 520 11.59 -5.52 16.91
C SER B 520 11.42 -5.81 18.40
N ASP B 521 12.11 -6.83 18.89
CA ASP B 521 12.01 -7.17 20.32
C ASP B 521 12.57 -6.05 21.17
#